data_6WGL
#
_entry.id   6WGL
#
_cell.length_a   73.490
_cell.length_b   73.490
_cell.length_c   412.441
_cell.angle_alpha   90.000
_cell.angle_beta   90.000
_cell.angle_gamma   90.000
#
_symmetry.space_group_name_H-M   'P 43 21 2'
#
loop_
_entity.id
_entity.type
_entity.pdbx_description
1 polymer 'Dupilumab Fab heavy chain'
2 polymer 'Dupilumab Fab light chain'
3 polymer 'Interleukin-4 receptor subunit alpha'
4 branched 2-acetamido-2-deoxy-beta-D-glucopyranose-(1-4)-2-acetamido-2-deoxy-beta-D-glucopyranose
5 non-polymer 2-acetamido-2-deoxy-beta-D-glucopyranose
6 water water
#
loop_
_entity_poly.entity_id
_entity_poly.type
_entity_poly.pdbx_seq_one_letter_code
_entity_poly.pdbx_strand_id
1 'polypeptide(L)'
;EVQLVESGGGLEQPGGSLRLSCAGSGFTFRDYAMTWVRQAPGKGLEWVSSISGSGGNTYYADSVKGRFTISRDNSKNTLY
LQMNSLRAEDTAVYYCAKDRLSITIRPRYYGLDVWGQGTTVTVSSASTKGPSVFPLAPCSRSTSESTAALGCLVKDYFPE
PVTVSWNSGALTSGVHTFPAVLQSSGLYSLSSVVTVPSSSLGTKTYTCNVDHKPSNTKVDKRVESKYGHHHHHH
;
A
2 'polypeptide(L)'
;DIVMTQSPLSLPVTPGEPASISCRSSQSLLYSIGYNYLDWYLQKSGQSPQLLIYLGSNRASGVPDRFSGSGSGTDFTLKI
SRVEAEDVGFYYCMQALQTPYTFGQGTKLEIKRTVAAPSVFIFPPSDEQLKSGTASVVCLLNNFYPREAKVQWKVDNALQ
SGNSQESVTEQDSKDSTYSLSSTLTLSKADYEKHKVYACEVTQGTTSVTKSFNRGEC
;
B
3 'polypeptide(L)'
;MKVLQEPTCVSDYMSISTCEWKMNGPTNCSTELRLLYQLVFLLSEAHTCIPENNGGAGCVCHLLMDDVVSADNYTLDLWA
GQQLLWKGSFKPSEHVKPRAPGNLTVHTNVSDTLLLTWSNPYPPDNYLYNHLTYAVNIWSENDPADFRIYNVTYLEPSLR
IAASTLKSGISYRARVRAWAQLYNTTWSEWSPSTKWHNSYREPFEQHGGGGSHHHHHH
;
C
#
loop_
_chem_comp.id
_chem_comp.type
_chem_comp.name
_chem_comp.formula
NAG D-saccharide, beta linking 2-acetamido-2-deoxy-beta-D-glucopyranose 'C8 H15 N O6'
#
# COMPACT_ATOMS: atom_id res chain seq x y z
N GLU A 1 -18.03 -2.47 -3.55
CA GLU A 1 -16.61 -2.01 -3.70
C GLU A 1 -15.67 -3.21 -3.52
N VAL A 2 -14.39 -2.92 -3.20
CA VAL A 2 -13.35 -3.92 -3.01
C VAL A 2 -12.66 -3.59 -1.70
N GLN A 3 -12.77 -4.50 -0.72
CA GLN A 3 -12.41 -4.20 0.66
C GLN A 3 -11.55 -5.31 1.27
N LEU A 4 -10.68 -4.90 2.20
CA LEU A 4 -9.95 -5.78 3.08
C LEU A 4 -10.24 -5.38 4.53
N VAL A 5 -10.59 -6.36 5.35
CA VAL A 5 -10.94 -6.13 6.75
C VAL A 5 -10.08 -7.04 7.63
N GLU A 6 -9.43 -6.43 8.63
CA GLU A 6 -8.46 -7.10 9.48
C GLU A 6 -9.06 -7.33 10.85
N SER A 7 -8.45 -8.25 11.62
CA SER A 7 -8.87 -8.63 12.96
C SER A 7 -7.72 -9.31 13.69
N GLY A 8 -7.94 -9.61 14.97
CA GLY A 8 -7.12 -10.54 15.72
C GLY A 8 -5.97 -9.86 16.46
N GLY A 9 -6.08 -8.54 16.68
CA GLY A 9 -5.05 -7.79 17.38
C GLY A 9 -5.45 -7.43 18.80
N GLY A 10 -4.49 -7.60 19.72
CA GLY A 10 -4.61 -7.18 21.10
C GLY A 10 -3.28 -7.27 21.84
N LEU A 11 -3.35 -7.37 23.17
CA LEU A 11 -2.17 -7.48 24.02
C LEU A 11 -1.81 -8.94 24.22
N GLU A 12 -0.55 -9.27 23.91
CA GLU A 12 0.05 -10.57 24.15
C GLU A 12 1.33 -10.45 24.96
N GLN A 13 1.74 -11.55 25.60
CA GLN A 13 2.89 -11.56 26.49
C GLN A 13 4.18 -11.72 25.69
N PRO A 14 5.33 -11.19 26.17
CA PRO A 14 6.63 -11.49 25.56
C PRO A 14 6.93 -12.98 25.66
N GLY A 15 6.89 -13.66 24.51
CA GLY A 15 7.05 -15.09 24.43
C GLY A 15 5.79 -15.78 23.91
N GLY A 16 4.69 -15.02 23.83
CA GLY A 16 3.39 -15.53 23.43
C GLY A 16 3.23 -15.66 21.91
N SER A 17 2.02 -16.05 21.52
CA SER A 17 1.62 -16.23 20.14
C SER A 17 0.30 -15.48 19.88
N LEU A 18 0.12 -15.03 18.63
CA LEU A 18 -1.08 -14.37 18.16
C LEU A 18 -1.30 -14.70 16.69
N ARG A 19 -2.57 -14.74 16.26
CA ARG A 19 -2.92 -15.03 14.87
C ARG A 19 -3.73 -13.87 14.30
N LEU A 20 -3.21 -13.27 13.23
CA LEU A 20 -3.87 -12.15 12.56
C LEU A 20 -4.69 -12.70 11.40
N SER A 21 -5.68 -11.92 10.97
CA SER A 21 -6.63 -12.36 9.95
C SER A 21 -6.99 -11.21 9.01
N CYS A 22 -7.29 -11.57 7.76
CA CYS A 22 -7.61 -10.59 6.74
C CYS A 22 -8.71 -11.14 5.84
N ALA A 23 -9.93 -10.72 6.15
CA ALA A 23 -11.09 -10.95 5.29
C ALA A 23 -10.98 -10.01 4.10
N GLY A 24 -11.31 -10.52 2.91
CA GLY A 24 -11.21 -9.75 1.69
C GLY A 24 -12.37 -10.06 0.75
N SER A 25 -12.94 -9.00 0.17
CA SER A 25 -14.16 -9.08 -0.63
C SER A 25 -14.05 -8.17 -1.85
N GLY A 26 -14.71 -8.58 -2.94
CA GLY A 26 -14.90 -7.74 -4.11
C GLY A 26 -14.05 -8.16 -5.32
N PHE A 27 -13.49 -9.38 -5.28
CA PHE A 27 -12.63 -9.89 -6.33
C PHE A 27 -12.44 -11.40 -6.16
N THR A 28 -11.45 -11.94 -6.88
CA THR A 28 -11.03 -13.32 -6.71
C THR A 28 -9.77 -13.33 -5.85
N PHE A 29 -9.96 -13.61 -4.55
CA PHE A 29 -8.88 -13.62 -3.57
C PHE A 29 -7.68 -14.40 -4.11
N ARG A 30 -7.95 -15.59 -4.67
CA ARG A 30 -6.98 -16.56 -5.15
C ARG A 30 -6.11 -15.98 -6.28
N ASP A 31 -6.66 -15.07 -7.09
CA ASP A 31 -5.95 -14.53 -8.24
C ASP A 31 -4.75 -13.67 -7.81
N TYR A 32 -4.74 -13.23 -6.55
CA TYR A 32 -3.89 -12.12 -6.13
C TYR A 32 -2.92 -12.54 -5.01
N ALA A 33 -1.72 -11.95 -5.06
CA ALA A 33 -0.76 -12.04 -3.97
C ALA A 33 -1.19 -11.08 -2.86
N MET A 34 -0.75 -11.36 -1.62
CA MET A 34 -1.04 -10.51 -0.48
C MET A 34 0.23 -10.27 0.32
N THR A 35 0.20 -9.16 1.07
CA THR A 35 1.37 -8.62 1.77
C THR A 35 0.96 -8.11 3.14
N TRP A 36 1.83 -8.32 4.13
CA TRP A 36 1.69 -7.74 5.45
C TRP A 36 2.74 -6.65 5.66
N VAL A 37 2.26 -5.44 6.01
CA VAL A 37 3.12 -4.31 6.37
C VAL A 37 2.84 -3.92 7.83
N ARG A 38 3.89 -3.48 8.54
CA ARG A 38 3.80 -3.10 9.93
C ARG A 38 4.43 -1.72 10.17
N GLN A 39 3.82 -0.94 11.08
CA GLN A 39 4.26 0.39 11.43
C GLN A 39 4.27 0.57 12.94
N ALA A 40 5.49 0.54 13.50
CA ALA A 40 5.81 0.86 14.88
C ALA A 40 5.41 2.31 15.17
N PRO A 41 4.95 2.64 16.39
CA PRO A 41 4.57 4.02 16.75
C PRO A 41 5.73 4.99 16.53
N GLY A 42 5.41 6.15 15.91
CA GLY A 42 6.40 7.15 15.55
C GLY A 42 7.13 6.81 14.24
N LYS A 43 7.53 5.54 14.12
CA LYS A 43 8.40 5.07 13.05
C LYS A 43 7.60 4.87 11.76
N GLY A 44 8.31 4.62 10.64
CA GLY A 44 7.72 4.48 9.31
C GLY A 44 7.33 3.04 8.99
N LEU A 45 6.99 2.78 7.71
CA LEU A 45 6.48 1.48 7.29
C LEU A 45 7.61 0.46 7.28
N GLU A 46 7.23 -0.83 7.35
CA GLU A 46 8.19 -1.94 7.34
C GLU A 46 7.51 -3.21 6.84
N TRP A 47 7.87 -3.64 5.61
CA TRP A 47 7.36 -4.87 5.01
C TRP A 47 7.72 -6.08 5.87
N VAL A 48 6.71 -6.92 6.09
CA VAL A 48 6.79 -8.05 7.02
C VAL A 48 6.84 -9.35 6.23
N SER A 49 5.80 -9.60 5.41
CA SER A 49 5.63 -10.90 4.77
C SER A 49 4.80 -10.79 3.49
N SER A 50 4.99 -11.74 2.55
CA SER A 50 4.19 -11.81 1.33
C SER A 50 3.98 -13.25 0.86
N ILE A 51 2.90 -13.47 0.09
CA ILE A 51 2.51 -14.80 -0.36
C ILE A 51 1.76 -14.73 -1.69
N SER A 52 2.11 -15.66 -2.58
CA SER A 52 1.49 -15.82 -3.89
C SER A 52 0.05 -16.32 -3.73
N GLY A 53 -0.74 -16.10 -4.79
CA GLY A 53 -2.17 -16.33 -4.80
C GLY A 53 -2.57 -17.80 -4.74
N SER A 54 -1.60 -18.69 -4.96
CA SER A 54 -1.81 -20.12 -4.94
C SER A 54 -1.50 -20.67 -3.55
N GLY A 55 -0.72 -19.90 -2.79
CA GLY A 55 -0.10 -20.38 -1.57
C GLY A 55 1.33 -20.85 -1.80
N GLY A 56 1.74 -20.88 -3.07
CA GLY A 56 2.97 -21.52 -3.54
C GLY A 56 4.25 -20.97 -2.91
N ASN A 57 4.45 -19.64 -2.97
CA ASN A 57 5.68 -19.04 -2.50
C ASN A 57 5.40 -18.11 -1.31
N THR A 58 6.30 -18.16 -0.33
CA THR A 58 6.23 -17.25 0.79
C THR A 58 7.51 -16.44 0.87
N TYR A 59 7.39 -15.23 1.44
CA TYR A 59 8.51 -14.31 1.61
C TYR A 59 8.43 -13.65 2.97
N TYR A 60 9.55 -13.64 3.69
CA TYR A 60 9.63 -13.22 5.07
C TYR A 60 10.77 -12.24 5.25
N ALA A 61 10.50 -11.14 5.98
CA ALA A 61 11.53 -10.25 6.49
C ALA A 61 12.42 -11.02 7.46
N ASP A 62 13.71 -10.68 7.45
CA ASP A 62 14.73 -11.38 8.21
C ASP A 62 14.36 -11.50 9.69
N SER A 63 14.04 -10.36 10.32
CA SER A 63 13.91 -10.28 11.76
C SER A 63 12.71 -11.09 12.27
N VAL A 64 11.95 -11.70 11.35
CA VAL A 64 10.80 -12.50 11.72
C VAL A 64 10.88 -13.90 11.10
N LYS A 65 12.00 -14.18 10.41
CA LYS A 65 12.18 -15.48 9.77
C LYS A 65 12.14 -16.59 10.83
N GLY A 66 11.31 -17.59 10.57
CA GLY A 66 11.16 -18.73 11.46
C GLY A 66 10.07 -18.54 12.50
N ARG A 67 9.79 -17.28 12.87
CA ARG A 67 8.86 -16.97 13.93
C ARG A 67 7.44 -16.79 13.37
N PHE A 68 7.27 -15.80 12.48
CA PHE A 68 5.96 -15.52 11.89
C PHE A 68 5.68 -16.50 10.75
N THR A 69 4.40 -16.77 10.50
CA THR A 69 4.00 -17.70 9.45
C THR A 69 2.86 -17.10 8.63
N ILE A 70 3.08 -17.03 7.31
CA ILE A 70 2.06 -16.52 6.39
C ILE A 70 1.31 -17.70 5.79
N SER A 71 -0.02 -17.54 5.65
CA SER A 71 -0.93 -18.57 5.18
C SER A 71 -2.25 -17.95 4.70
N ARG A 72 -2.98 -18.71 3.87
CA ARG A 72 -4.21 -18.22 3.24
C ARG A 72 -5.20 -19.36 3.00
N ASP A 73 -6.50 -19.01 3.04
CA ASP A 73 -7.60 -19.87 2.62
C ASP A 73 -8.41 -19.14 1.56
N ASN A 74 -8.36 -19.67 0.33
CA ASN A 74 -8.88 -19.02 -0.86
C ASN A 74 -10.35 -19.40 -1.09
N SER A 75 -10.85 -20.36 -0.29
CA SER A 75 -12.26 -20.70 -0.27
C SER A 75 -13.01 -19.80 0.70
N LYS A 76 -12.36 -19.45 1.82
CA LYS A 76 -12.93 -18.60 2.84
C LYS A 76 -12.50 -17.14 2.63
N ASN A 77 -11.67 -16.89 1.61
CA ASN A 77 -11.17 -15.57 1.23
C ASN A 77 -10.52 -14.87 2.42
N THR A 78 -9.54 -15.55 3.04
CA THR A 78 -8.91 -15.07 4.26
C THR A 78 -7.41 -15.39 4.26
N LEU A 79 -6.65 -14.52 4.93
CA LEU A 79 -5.20 -14.51 4.93
C LEU A 79 -4.73 -14.33 6.37
N TYR A 80 -3.69 -15.08 6.77
CA TYR A 80 -3.27 -15.10 8.17
C TYR A 80 -1.76 -14.86 8.29
N LEU A 81 -1.39 -14.13 9.33
CA LEU A 81 -0.03 -14.05 9.83
C LEU A 81 0.00 -14.69 11.22
N GLN A 82 0.74 -15.80 11.33
CA GLN A 82 0.78 -16.61 12.54
C GLN A 82 1.99 -16.20 13.37
N MET A 83 1.80 -15.16 14.19
CA MET A 83 2.87 -14.57 14.98
C MET A 83 3.19 -15.47 16.17
N ASN A 84 4.44 -15.95 16.23
CA ASN A 84 4.88 -16.91 17.24
C ASN A 84 6.15 -16.41 17.95
N SER A 85 6.22 -16.65 19.27
CA SER A 85 7.35 -16.31 20.13
C SER A 85 7.71 -14.83 20.04
N LEU A 86 6.79 -13.98 20.51
CA LEU A 86 6.85 -12.54 20.23
C LEU A 86 7.84 -11.85 21.16
N ARG A 87 8.52 -10.84 20.62
CA ARG A 87 9.43 -9.97 21.36
C ARG A 87 8.83 -8.56 21.44
N ALA A 88 9.46 -7.70 22.23
CA ALA A 88 8.93 -6.38 22.56
C ALA A 88 8.83 -5.47 21.34
N GLU A 89 9.74 -5.64 20.37
CA GLU A 89 9.78 -4.75 19.22
C GLU A 89 8.94 -5.32 18.07
N ASP A 90 8.05 -6.27 18.41
CA ASP A 90 7.00 -6.70 17.50
C ASP A 90 5.80 -5.77 17.62
N THR A 91 5.84 -4.90 18.64
CA THR A 91 4.85 -3.87 18.90
C THR A 91 4.79 -2.91 17.72
N ALA A 92 3.68 -3.00 16.97
CA ALA A 92 3.41 -2.22 15.77
C ALA A 92 1.95 -2.39 15.36
N VAL A 93 1.51 -1.54 14.43
CA VAL A 93 0.20 -1.62 13.80
C VAL A 93 0.37 -2.37 12.48
N TYR A 94 -0.50 -3.36 12.23
CA TYR A 94 -0.34 -4.29 11.12
C TYR A 94 -1.41 -4.05 10.05
N TYR A 95 -0.94 -3.87 8.80
CA TYR A 95 -1.78 -3.69 7.62
C TYR A 95 -1.56 -4.86 6.69
N CYS A 96 -2.62 -5.24 5.96
CA CYS A 96 -2.53 -6.14 4.82
C CYS A 96 -2.91 -5.36 3.55
N ALA A 97 -2.49 -5.88 2.38
CA ALA A 97 -2.70 -5.19 1.12
C ALA A 97 -2.83 -6.17 -0.04
N LYS A 98 -3.68 -5.78 -1.01
CA LYS A 98 -3.76 -6.45 -2.30
C LYS A 98 -2.50 -6.12 -3.11
N ASP A 99 -1.65 -7.14 -3.30
CA ASP A 99 -0.46 -7.11 -4.14
C ASP A 99 -0.81 -7.61 -5.55
N ARG A 100 0.13 -8.30 -6.18
CA ARG A 100 0.09 -8.54 -7.62
C ARG A 100 -0.82 -9.71 -8.00
N LEU A 101 -1.59 -9.50 -9.07
CA LEU A 101 -2.23 -10.59 -9.80
C LEU A 101 -1.16 -11.62 -10.15
N SER A 102 -1.36 -12.87 -9.69
CA SER A 102 -0.38 -13.93 -9.83
C SER A 102 -0.88 -15.13 -10.64
N ILE A 103 -2.20 -15.23 -10.89
CA ILE A 103 -2.69 -16.37 -11.65
C ILE A 103 -1.88 -16.55 -12.93
N THR A 104 -1.72 -15.47 -13.68
CA THR A 104 -1.24 -15.50 -15.06
C THR A 104 0.28 -15.75 -15.10
N ILE A 105 0.75 -16.18 -16.28
CA ILE A 105 2.15 -16.56 -16.48
C ILE A 105 3.07 -15.43 -16.02
N ARG A 106 2.77 -14.19 -16.43
CA ARG A 106 3.45 -13.01 -15.91
C ARG A 106 2.56 -12.31 -14.88
N PRO A 107 3.07 -12.04 -13.65
CA PRO A 107 2.34 -11.22 -12.68
C PRO A 107 2.05 -9.83 -13.22
N ARG A 108 0.90 -9.26 -12.82
CA ARG A 108 0.59 -7.87 -13.04
C ARG A 108 0.48 -7.18 -11.68
N TYR A 109 1.25 -6.11 -11.51
CA TYR A 109 1.32 -5.36 -10.27
C TYR A 109 0.98 -3.90 -10.54
N TYR A 110 -0.02 -3.39 -9.80
CA TYR A 110 -0.49 -2.02 -9.92
C TYR A 110 -0.38 -1.34 -8.55
N GLY A 111 0.72 -1.63 -7.83
CA GLY A 111 0.92 -1.11 -6.48
C GLY A 111 0.12 -1.86 -5.43
N LEU A 112 0.40 -1.58 -4.16
CA LEU A 112 -0.50 -1.99 -3.10
C LEU A 112 -1.73 -1.06 -3.12
N ASP A 113 -2.75 -1.47 -3.87
CA ASP A 113 -3.76 -0.54 -4.35
C ASP A 113 -5.00 -0.53 -3.46
N VAL A 114 -5.10 -1.52 -2.57
CA VAL A 114 -6.19 -1.67 -1.62
C VAL A 114 -5.58 -2.01 -0.26
N TRP A 115 -5.97 -1.26 0.78
CA TRP A 115 -5.39 -1.44 2.11
C TRP A 115 -6.45 -1.78 3.15
N GLY A 116 -6.06 -2.64 4.10
CA GLY A 116 -6.84 -2.92 5.29
C GLY A 116 -6.73 -1.80 6.31
N GLN A 117 -7.68 -1.79 7.26
CA GLN A 117 -7.91 -0.71 8.18
C GLN A 117 -6.84 -0.67 9.27
N GLY A 118 -6.13 -1.80 9.43
CA GLY A 118 -5.09 -1.94 10.43
C GLY A 118 -5.60 -2.69 11.65
N THR A 119 -4.66 -3.25 12.43
CA THR A 119 -4.94 -3.87 13.72
C THR A 119 -3.66 -3.85 14.56
N THR A 120 -3.84 -3.67 15.87
CA THR A 120 -2.70 -3.36 16.72
C THR A 120 -2.29 -4.59 17.52
N VAL A 121 -0.98 -4.82 17.60
CA VAL A 121 -0.38 -5.81 18.46
C VAL A 121 0.55 -5.10 19.45
N THR A 122 0.30 -5.31 20.74
CA THR A 122 1.15 -4.82 21.81
C THR A 122 1.72 -6.03 22.55
N VAL A 123 3.03 -5.99 22.82
CA VAL A 123 3.72 -7.11 23.45
C VAL A 123 4.26 -6.64 24.79
N SER A 124 3.51 -6.91 25.86
CA SER A 124 3.79 -6.35 27.18
C SER A 124 3.41 -7.29 28.31
N SER A 125 3.94 -6.99 29.50
CA SER A 125 3.82 -7.80 30.69
C SER A 125 2.80 -7.22 31.68
N ALA A 126 2.33 -5.99 31.42
CA ALA A 126 1.24 -5.39 32.17
C ALA A 126 -0.09 -5.92 31.66
N SER A 127 -1.19 -5.59 32.37
CA SER A 127 -2.49 -6.20 32.12
C SER A 127 -3.43 -5.20 31.45
N THR A 128 -4.29 -5.73 30.56
CA THR A 128 -5.21 -4.98 29.72
C THR A 128 -6.38 -4.43 30.54
N LYS A 129 -6.57 -3.10 30.48
CA LYS A 129 -7.62 -2.38 31.19
C LYS A 129 -8.52 -1.65 30.19
N GLY A 130 -9.79 -2.04 30.16
CA GLY A 130 -10.83 -1.36 29.39
C GLY A 130 -11.01 0.10 29.82
N PRO A 131 -11.60 0.98 28.97
CA PRO A 131 -11.62 2.43 29.23
C PRO A 131 -12.73 2.95 30.16
N SER A 132 -12.50 4.14 30.72
CA SER A 132 -13.47 4.93 31.46
C SER A 132 -13.84 6.15 30.62
N VAL A 133 -15.16 6.36 30.43
CA VAL A 133 -15.66 7.40 29.54
C VAL A 133 -16.56 8.37 30.31
N PHE A 134 -16.05 9.60 30.48
CA PHE A 134 -16.73 10.70 31.15
C PHE A 134 -17.07 11.78 30.14
N PRO A 135 -18.26 12.44 30.21
CA PRO A 135 -18.62 13.50 29.26
C PRO A 135 -17.87 14.80 29.53
N LEU A 136 -17.77 15.64 28.48
CA LEU A 136 -17.17 16.97 28.57
C LEU A 136 -18.23 18.00 28.17
N ALA A 137 -18.77 18.70 29.19
CA ALA A 137 -19.87 19.64 29.03
C ALA A 137 -19.52 20.99 29.66
N PRO A 138 -19.87 22.14 29.02
CA PRO A 138 -19.60 23.45 29.61
C PRO A 138 -20.37 23.67 30.90
N CYS A 139 -19.83 24.56 31.75
CA CYS A 139 -20.44 25.04 32.98
C CYS A 139 -21.33 26.24 32.65
N SER A 140 -22.65 26.04 32.83
CA SER A 140 -23.68 26.85 32.19
C SER A 140 -24.02 28.10 32.99
N ARG A 141 -23.98 29.25 32.31
CA ARG A 141 -24.54 30.51 32.78
C ARG A 141 -25.27 31.19 31.62
N SER A 142 -25.86 30.33 30.75
CA SER A 142 -26.69 30.68 29.61
C SER A 142 -26.00 31.69 28.68
N GLU A 145 -23.85 31.00 24.22
CA GLU A 145 -22.88 31.25 23.16
C GLU A 145 -23.38 30.67 21.84
N SER A 146 -23.05 31.32 20.72
CA SER A 146 -23.57 30.97 19.41
C SER A 146 -23.23 29.53 19.05
N THR A 147 -21.98 29.13 19.30
CA THR A 147 -21.49 27.79 19.00
C THR A 147 -20.99 27.11 20.27
N ALA A 148 -21.58 25.95 20.57
CA ALA A 148 -21.29 25.17 21.77
C ALA A 148 -20.20 24.15 21.47
N ALA A 149 -19.50 23.72 22.54
CA ALA A 149 -18.45 22.73 22.42
C ALA A 149 -18.69 21.57 23.39
N LEU A 150 -19.06 20.40 22.83
CA LEU A 150 -19.27 19.18 23.58
C LEU A 150 -18.12 18.20 23.34
N GLY A 151 -18.11 17.11 24.11
CA GLY A 151 -17.14 16.04 23.93
C GLY A 151 -17.24 14.95 24.99
N CYS A 152 -16.37 13.94 24.86
CA CYS A 152 -16.19 12.84 25.80
CA CYS A 152 -16.18 12.97 25.93
C CYS A 152 -14.70 12.72 26.14
N LEU A 153 -14.35 12.47 27.41
CA LEU A 153 -12.99 12.19 27.80
C LEU A 153 -12.88 10.71 28.10
N VAL A 154 -11.79 10.09 27.61
CA VAL A 154 -11.57 8.65 27.65
C VAL A 154 -10.26 8.38 28.38
N LYS A 155 -10.40 7.96 29.64
CA LYS A 155 -9.29 7.92 30.57
C LYS A 155 -9.09 6.50 31.07
N ASP A 156 -7.82 6.17 31.33
CA ASP A 156 -7.38 4.94 31.96
C ASP A 156 -7.75 3.73 31.13
N TYR A 157 -6.97 3.51 30.06
CA TYR A 157 -7.11 2.33 29.21
C TYR A 157 -5.74 1.79 28.83
N PHE A 158 -5.69 0.46 28.55
CA PHE A 158 -4.52 -0.21 28.04
C PHE A 158 -4.92 -1.49 27.31
N PRO A 159 -4.27 -1.79 26.16
CA PRO A 159 -3.31 -0.94 25.49
C PRO A 159 -4.03 -0.02 24.51
N GLU A 160 -3.31 0.41 23.46
CA GLU A 160 -3.91 1.09 22.32
C GLU A 160 -4.32 0.07 21.28
N PRO A 161 -5.35 0.36 20.46
CA PRO A 161 -5.97 1.67 20.27
C PRO A 161 -7.41 1.84 20.76
N VAL A 162 -7.92 3.07 20.65
CA VAL A 162 -9.33 3.40 20.79
C VAL A 162 -9.81 4.13 19.54
N THR A 163 -11.03 3.82 19.07
CA THR A 163 -11.65 4.49 17.95
C THR A 163 -12.92 5.21 18.43
N VAL A 164 -13.01 6.51 18.14
CA VAL A 164 -14.11 7.35 18.63
C VAL A 164 -14.96 7.82 17.45
N SER A 165 -16.27 7.85 17.69
CA SER A 165 -17.30 8.18 16.72
C SER A 165 -18.35 9.08 17.38
N TRP A 166 -19.19 9.72 16.56
CA TRP A 166 -20.22 10.64 17.05
C TRP A 166 -21.55 10.38 16.33
N ASN A 167 -22.57 10.09 17.14
CA ASN A 167 -23.91 9.77 16.67
C ASN A 167 -23.83 8.65 15.64
N SER A 168 -23.21 7.54 16.04
CA SER A 168 -23.13 6.31 15.26
C SER A 168 -22.72 6.61 13.82
N GLY A 169 -21.79 7.58 13.68
CA GLY A 169 -21.20 7.96 12.41
C GLY A 169 -21.90 9.12 11.72
N ALA A 170 -23.06 9.54 12.24
CA ALA A 170 -23.90 10.48 11.51
C ALA A 170 -23.38 11.92 11.60
N LEU A 171 -22.55 12.21 12.60
CA LEU A 171 -21.98 13.55 12.76
C LEU A 171 -20.46 13.49 12.61
N THR A 172 -19.95 14.19 11.56
CA THR A 172 -18.54 14.21 11.23
C THR A 172 -17.95 15.61 11.43
N SER A 173 -18.70 16.66 11.03
CA SER A 173 -18.26 18.04 11.08
C SER A 173 -17.87 18.47 12.49
N GLY A 174 -16.75 19.19 12.60
CA GLY A 174 -16.31 19.80 13.85
C GLY A 174 -15.68 18.82 14.85
N VAL A 175 -15.58 17.54 14.48
CA VAL A 175 -15.02 16.53 15.38
C VAL A 175 -13.49 16.66 15.39
N HIS A 176 -12.93 16.76 16.60
CA HIS A 176 -11.52 16.58 16.82
C HIS A 176 -11.31 15.54 17.93
N THR A 177 -10.71 14.40 17.52
CA THR A 177 -10.28 13.38 18.46
C THR A 177 -8.76 13.48 18.61
N PHE A 178 -8.31 13.68 19.84
CA PHE A 178 -6.90 13.94 20.11
C PHE A 178 -6.12 12.63 20.17
N PRO A 179 -4.86 12.62 19.66
CA PRO A 179 -3.89 11.56 19.98
C PRO A 179 -3.78 11.30 21.48
N ALA A 180 -3.56 10.03 21.83
CA ALA A 180 -3.47 9.59 23.20
C ALA A 180 -2.09 9.89 23.78
N VAL A 181 -2.06 10.30 25.05
CA VAL A 181 -0.82 10.48 25.76
C VAL A 181 -0.67 9.34 26.76
N LEU A 182 0.58 9.02 27.12
CA LEU A 182 0.81 8.08 28.20
C LEU A 182 0.93 8.87 29.50
N GLN A 183 0.06 8.52 30.46
CA GLN A 183 0.14 9.00 31.83
C GLN A 183 1.24 8.20 32.54
N SER A 184 1.86 8.81 33.55
CA SER A 184 3.05 8.25 34.17
C SER A 184 2.74 6.96 34.94
N SER A 185 1.44 6.64 35.06
CA SER A 185 0.99 5.40 35.67
C SER A 185 1.07 4.25 34.67
N GLY A 186 1.22 4.58 33.38
CA GLY A 186 1.42 3.59 32.32
C GLY A 186 0.12 3.22 31.61
N LEU A 187 -0.83 4.17 31.59
CA LEU A 187 -2.10 4.01 30.91
C LEU A 187 -2.26 5.13 29.89
N TYR A 188 -3.26 4.99 29.01
CA TYR A 188 -3.50 5.98 27.97
C TYR A 188 -4.72 6.82 28.32
N SER A 189 -4.63 8.12 28.01
CA SER A 189 -5.73 9.07 28.07
C SER A 189 -5.90 9.74 26.71
N LEU A 190 -7.16 10.07 26.37
CA LEU A 190 -7.54 10.62 25.08
C LEU A 190 -8.85 11.40 25.25
N SER A 191 -8.99 12.51 24.54
CA SER A 191 -10.25 13.26 24.52
C SER A 191 -10.80 13.28 23.11
N SER A 192 -12.10 13.56 22.98
CA SER A 192 -12.75 13.78 21.70
C SER A 192 -13.81 14.85 21.85
N VAL A 193 -13.69 15.91 21.05
CA VAL A 193 -14.56 17.06 21.16
C VAL A 193 -15.22 17.35 19.82
N VAL A 194 -16.35 18.04 19.89
CA VAL A 194 -17.15 18.40 18.74
C VAL A 194 -17.66 19.82 18.97
N THR A 195 -18.13 20.48 17.91
CA THR A 195 -18.72 21.81 18.00
C THR A 195 -20.02 21.85 17.22
N VAL A 196 -21.05 22.41 17.88
CA VAL A 196 -22.42 22.41 17.40
C VAL A 196 -23.00 23.81 17.53
N PRO A 197 -24.06 24.18 16.77
CA PRO A 197 -24.75 25.46 17.00
C PRO A 197 -25.52 25.38 18.31
N SER A 198 -25.69 26.55 18.95
CA SER A 198 -26.50 26.68 20.15
C SER A 198 -27.94 26.27 19.88
N SER A 199 -28.45 26.65 18.70
CA SER A 199 -29.85 26.49 18.31
C SER A 199 -30.33 25.05 18.45
N SER A 200 -29.59 24.11 17.84
CA SER A 200 -30.04 22.75 17.67
C SER A 200 -29.78 21.91 18.93
N LEU A 201 -29.47 22.58 20.05
CA LEU A 201 -29.10 21.89 21.28
C LEU A 201 -30.32 21.26 21.97
N GLY A 202 -31.46 21.96 21.88
CA GLY A 202 -32.71 21.49 22.48
C GLY A 202 -33.32 20.32 21.71
N THR A 203 -33.20 20.36 20.38
CA THR A 203 -33.80 19.37 19.49
C THR A 203 -32.92 18.12 19.40
N LYS A 204 -31.65 18.29 18.98
CA LYS A 204 -30.77 17.17 18.65
C LYS A 204 -30.17 16.58 19.93
N THR A 205 -29.65 15.35 19.80
CA THR A 205 -29.05 14.56 20.87
C THR A 205 -27.64 14.12 20.43
N TYR A 206 -26.72 13.95 21.40
CA TYR A 206 -25.30 13.92 21.10
C TYR A 206 -24.55 12.80 21.82
N THR A 207 -24.32 11.68 21.10
CA THR A 207 -23.73 10.45 21.61
C THR A 207 -22.34 10.23 21.00
N CYS A 208 -21.39 9.74 21.81
CA CYS A 208 -20.09 9.36 21.30
C CYS A 208 -19.81 7.87 21.49
N ASN A 209 -19.19 7.26 20.47
CA ASN A 209 -19.04 5.82 20.37
C ASN A 209 -17.56 5.45 20.49
N VAL A 210 -17.19 4.95 21.67
CA VAL A 210 -15.83 4.53 21.94
C VAL A 210 -15.74 3.03 21.73
N ASP A 211 -14.73 2.60 20.96
CA ASP A 211 -14.41 1.20 20.78
C ASP A 211 -12.98 0.94 21.24
N HIS A 212 -12.82 -0.14 22.03
CA HIS A 212 -11.52 -0.64 22.42
C HIS A 212 -11.50 -2.15 22.21
N LYS A 213 -11.21 -2.56 20.97
CA LYS A 213 -11.19 -3.95 20.54
C LYS A 213 -10.32 -4.81 21.47
N PRO A 214 -9.09 -4.39 21.87
CA PRO A 214 -8.27 -5.16 22.82
C PRO A 214 -8.86 -5.54 24.19
N SER A 215 -10.02 -4.99 24.55
CA SER A 215 -10.70 -5.44 25.75
C SER A 215 -12.11 -5.89 25.42
N ASN A 216 -12.46 -5.78 24.13
CA ASN A 216 -13.77 -6.13 23.58
C ASN A 216 -14.86 -5.24 24.17
N THR A 217 -14.45 -4.09 24.72
CA THR A 217 -15.34 -3.14 25.38
C THR A 217 -15.76 -2.10 24.35
N LYS A 218 -17.02 -1.65 24.48
CA LYS A 218 -17.64 -0.64 23.63
C LYS A 218 -18.54 0.25 24.50
N VAL A 219 -18.19 1.55 24.59
CA VAL A 219 -18.85 2.48 25.52
C VAL A 219 -19.55 3.59 24.75
N ASP A 220 -20.82 3.84 25.11
CA ASP A 220 -21.62 4.92 24.56
C ASP A 220 -22.05 5.89 25.66
N LYS A 221 -21.76 7.18 25.47
CA LYS A 221 -22.11 8.23 26.42
C LYS A 221 -22.95 9.29 25.71
N ARG A 222 -24.21 9.44 26.15
CA ARG A 222 -25.02 10.58 25.75
C ARG A 222 -24.63 11.76 26.64
N VAL A 223 -24.28 12.88 25.99
CA VAL A 223 -23.57 14.00 26.59
C VAL A 223 -24.55 15.15 26.81
N GLU A 224 -24.47 15.81 27.97
CA GLU A 224 -25.33 16.95 28.28
C GLU A 224 -24.60 17.96 29.19
N ASP B 1 19.65 -5.52 0.73
CA ASP B 1 18.37 -4.99 0.16
C ASP B 1 18.59 -3.57 -0.38
N ILE B 2 17.70 -3.16 -1.30
CA ILE B 2 17.72 -1.85 -1.93
C ILE B 2 17.43 -0.76 -0.89
N VAL B 3 18.40 0.15 -0.72
CA VAL B 3 18.25 1.29 0.17
C VAL B 3 17.54 2.41 -0.60
N MET B 4 16.38 2.84 -0.09
CA MET B 4 15.75 4.04 -0.64
C MET B 4 16.13 5.24 0.22
N THR B 5 16.49 6.34 -0.45
CA THR B 5 16.79 7.60 0.21
C THR B 5 15.81 8.66 -0.29
N GLN B 6 14.87 9.05 0.60
CA GLN B 6 13.79 9.97 0.31
C GLN B 6 14.17 11.36 0.84
N SER B 7 13.88 12.41 0.06
CA SER B 7 14.29 13.76 0.39
C SER B 7 13.29 14.78 -0.18
N PRO B 8 12.89 15.78 0.64
CA PRO B 8 13.36 16.03 2.00
C PRO B 8 12.54 15.29 3.05
N LEU B 9 12.97 15.39 4.32
CA LEU B 9 12.21 14.88 5.45
C LEU B 9 11.05 15.82 5.73
N SER B 10 11.33 17.12 5.64
CA SER B 10 10.36 18.17 5.95
C SER B 10 10.09 19.01 4.70
N LEU B 11 8.81 19.21 4.40
CA LEU B 11 8.37 20.03 3.28
C LEU B 11 7.28 21.00 3.71
N PRO B 12 7.62 22.17 4.31
CA PRO B 12 6.69 23.29 4.40
C PRO B 12 6.49 23.90 3.02
N VAL B 13 5.23 24.14 2.64
CA VAL B 13 4.90 24.92 1.46
C VAL B 13 3.67 25.78 1.73
N THR B 14 3.24 26.45 0.66
CA THR B 14 2.16 27.41 0.70
C THR B 14 1.10 26.96 -0.30
N PRO B 15 -0.22 27.04 0.02
CA PRO B 15 -1.26 26.52 -0.87
C PRO B 15 -1.19 27.20 -2.23
N GLY B 16 -1.34 26.41 -3.30
CA GLY B 16 -1.30 26.90 -4.67
C GLY B 16 0.09 26.82 -5.30
N GLU B 17 1.14 26.72 -4.47
CA GLU B 17 2.53 26.65 -4.93
C GLU B 17 2.90 25.22 -5.33
N PRO B 18 3.94 25.00 -6.17
CA PRO B 18 4.42 23.65 -6.47
C PRO B 18 5.31 23.03 -5.39
N ALA B 19 5.39 21.69 -5.40
CA ALA B 19 6.11 20.91 -4.38
C ALA B 19 6.71 19.63 -4.97
N SER B 20 7.83 19.22 -4.39
CA SER B 20 8.67 18.18 -4.98
C SER B 20 9.27 17.28 -3.88
N ILE B 21 9.28 15.96 -4.16
CA ILE B 21 9.94 14.99 -3.31
C ILE B 21 10.81 14.10 -4.18
N SER B 22 12.10 13.99 -3.82
CA SER B 22 13.06 13.14 -4.48
C SER B 22 13.17 11.79 -3.76
N CYS B 23 13.64 10.79 -4.51
CA CYS B 23 13.80 9.42 -4.07
C CYS B 23 14.92 8.76 -4.86
N ARG B 24 15.98 8.34 -4.15
CA ARG B 24 17.14 7.72 -4.75
C ARG B 24 17.35 6.32 -4.15
N SER B 25 17.14 5.29 -4.99
CA SER B 25 17.42 3.90 -4.65
C SER B 25 18.90 3.55 -4.85
N SER B 26 19.37 2.51 -4.16
CA SER B 26 20.77 2.12 -4.18
C SER B 26 21.07 1.21 -5.38
N GLN B 27 20.01 0.81 -6.12
CA GLN B 27 20.15 0.10 -7.38
C GLN B 27 18.98 0.42 -8.30
N SER B 28 19.13 0.01 -9.57
CA SER B 28 18.11 0.20 -10.59
C SER B 28 16.88 -0.65 -10.26
N LEU B 29 15.71 -0.02 -10.39
CA LEU B 29 14.43 -0.66 -10.16
C LEU B 29 13.69 -0.86 -11.47
N LEU B 30 14.39 -0.63 -12.60
CA LEU B 30 13.82 -0.95 -13.90
C LEU B 30 14.00 -2.45 -14.15
N TYR B 31 12.94 -3.11 -14.60
CA TYR B 31 13.01 -4.50 -15.01
C TYR B 31 13.21 -4.55 -16.52
N SER B 32 12.21 -4.02 -17.24
CA SER B 32 12.18 -3.87 -18.68
C SER B 32 11.95 -2.39 -19.00
N ILE B 33 11.98 -2.01 -20.28
CA ILE B 33 11.69 -0.64 -20.66
C ILE B 33 10.21 -0.35 -20.35
N GLY B 34 9.95 0.78 -19.69
CA GLY B 34 8.62 1.18 -19.27
C GLY B 34 8.22 0.65 -17.89
N TYR B 35 9.02 -0.26 -17.30
CA TYR B 35 8.66 -0.94 -16.08
C TYR B 35 9.72 -0.70 -15.00
N ASN B 36 9.63 0.47 -14.35
CA ASN B 36 10.30 0.73 -13.08
C ASN B 36 9.36 0.35 -11.95
N TYR B 37 9.89 -0.29 -10.91
CA TYR B 37 9.10 -0.71 -9.75
C TYR B 37 9.33 0.24 -8.58
N LEU B 38 8.73 1.43 -8.68
CA LEU B 38 8.74 2.45 -7.64
C LEU B 38 7.34 3.00 -7.46
N ASP B 39 6.91 3.11 -6.19
CA ASP B 39 5.56 3.49 -5.82
C ASP B 39 5.58 4.69 -4.90
N TRP B 40 4.48 5.45 -4.90
CA TRP B 40 4.29 6.55 -3.97
C TRP B 40 3.00 6.35 -3.16
N TYR B 41 3.11 6.53 -1.84
CA TYR B 41 2.01 6.42 -0.90
C TYR B 41 1.88 7.72 -0.10
N LEU B 42 0.64 8.07 0.29
CA LEU B 42 0.39 9.09 1.32
C LEU B 42 -0.31 8.47 2.52
N GLN B 43 0.03 8.95 3.72
CA GLN B 43 -0.69 8.58 4.93
C GLN B 43 -1.06 9.84 5.73
N LYS B 44 -2.37 10.11 5.80
CA LYS B 44 -2.95 11.03 6.77
C LYS B 44 -2.99 10.33 8.11
N SER B 45 -2.43 10.97 9.14
CA SER B 45 -2.28 10.34 10.45
C SER B 45 -3.63 9.91 11.00
N GLY B 46 -3.68 8.65 11.48
CA GLY B 46 -4.89 8.00 11.91
C GLY B 46 -5.47 7.08 10.83
N GLN B 47 -5.10 7.34 9.57
CA GLN B 47 -5.62 6.58 8.43
C GLN B 47 -4.60 5.56 7.95
N SER B 48 -5.09 4.60 7.15
CA SER B 48 -4.29 3.60 6.45
C SER B 48 -3.60 4.23 5.25
N PRO B 49 -2.36 3.79 4.88
CA PRO B 49 -1.67 4.31 3.71
C PRO B 49 -2.49 4.10 2.44
N GLN B 50 -2.30 4.99 1.47
CA GLN B 50 -2.96 4.90 0.17
C GLN B 50 -1.98 5.27 -0.93
N LEU B 51 -2.06 4.49 -2.00
CA LEU B 51 -1.25 4.59 -3.19
C LEU B 51 -1.62 5.86 -3.96
N LEU B 52 -0.60 6.65 -4.34
CA LEU B 52 -0.78 7.73 -5.30
C LEU B 52 -0.33 7.25 -6.68
N ILE B 53 0.88 6.67 -6.72
CA ILE B 53 1.55 6.40 -7.98
C ILE B 53 2.16 5.01 -7.93
N TYR B 54 1.89 4.21 -8.98
CA TYR B 54 2.52 2.90 -9.14
C TYR B 54 3.38 2.89 -10.39
N LEU B 55 4.43 2.04 -10.37
CA LEU B 55 5.33 1.83 -11.49
C LEU B 55 5.87 3.15 -12.03
N GLY B 56 6.36 4.01 -11.12
CA GLY B 56 7.09 5.21 -11.47
C GLY B 56 6.20 6.44 -11.69
N SER B 57 5.19 6.30 -12.57
CA SER B 57 4.43 7.45 -13.02
C SER B 57 2.97 7.13 -13.41
N ASN B 58 2.43 6.00 -12.94
CA ASN B 58 1.02 5.71 -13.17
C ASN B 58 0.22 6.15 -11.95
N ARG B 59 -0.87 6.88 -12.22
CA ARG B 59 -1.76 7.38 -11.18
C ARG B 59 -2.68 6.27 -10.71
N ALA B 60 -2.82 6.13 -9.38
CA ALA B 60 -3.81 5.29 -8.76
C ALA B 60 -5.20 5.89 -9.00
N SER B 61 -6.20 5.01 -9.14
CA SER B 61 -7.59 5.43 -9.30
C SER B 61 -8.07 6.11 -8.01
N GLY B 62 -8.47 7.37 -8.14
CA GLY B 62 -8.78 8.23 -7.00
C GLY B 62 -7.88 9.47 -6.97
N VAL B 63 -6.75 9.42 -7.67
CA VAL B 63 -5.68 10.40 -7.54
C VAL B 63 -5.83 11.47 -8.63
N PRO B 64 -5.99 12.77 -8.25
CA PRO B 64 -6.19 13.85 -9.21
C PRO B 64 -4.97 14.14 -10.08
N ASP B 65 -5.23 14.81 -11.20
CA ASP B 65 -4.28 15.15 -12.25
C ASP B 65 -3.10 15.97 -11.70
N ARG B 66 -3.28 16.58 -10.52
CA ARG B 66 -2.30 17.45 -9.87
C ARG B 66 -1.03 16.70 -9.48
N PHE B 67 -1.17 15.41 -9.15
CA PHE B 67 -0.07 14.57 -8.69
C PHE B 67 0.59 13.87 -9.88
N SER B 68 1.91 14.03 -10.03
CA SER B 68 2.63 13.49 -11.18
C SER B 68 3.91 12.78 -10.76
N GLY B 69 4.06 11.55 -11.26
CA GLY B 69 5.28 10.77 -11.08
C GLY B 69 6.23 10.92 -12.26
N SER B 70 7.50 10.59 -12.03
CA SER B 70 8.61 10.78 -12.95
C SER B 70 9.87 10.11 -12.43
N GLY B 71 10.70 9.61 -13.35
CA GLY B 71 12.02 9.10 -13.02
C GLY B 71 12.24 7.68 -13.53
N SER B 72 13.51 7.26 -13.50
CA SER B 72 13.89 5.95 -14.02
C SER B 72 15.14 5.47 -13.30
N GLY B 73 15.33 4.14 -13.29
CA GLY B 73 16.53 3.55 -12.75
C GLY B 73 16.60 3.71 -11.24
N THR B 74 17.26 4.80 -10.80
CA THR B 74 17.51 5.02 -9.39
C THR B 74 17.12 6.44 -8.99
N ASP B 75 16.43 7.16 -9.87
CA ASP B 75 16.12 8.56 -9.57
C ASP B 75 14.65 8.85 -9.83
N PHE B 76 13.90 9.07 -8.74
CA PHE B 76 12.47 9.27 -8.82
C PHE B 76 12.05 10.59 -8.18
N THR B 77 11.02 11.21 -8.77
CA THR B 77 10.50 12.49 -8.31
C THR B 77 8.96 12.46 -8.37
N LEU B 78 8.34 12.94 -7.28
CA LEU B 78 6.91 13.15 -7.20
C LEU B 78 6.65 14.64 -7.15
N LYS B 79 5.82 15.10 -8.10
CA LYS B 79 5.51 16.52 -8.29
C LYS B 79 4.07 16.77 -7.85
N ILE B 80 3.88 17.85 -7.08
CA ILE B 80 2.55 18.38 -6.85
C ILE B 80 2.51 19.77 -7.44
N SER B 81 1.65 19.94 -8.45
CA SER B 81 1.62 21.12 -9.31
C SER B 81 1.12 22.36 -8.56
N ARG B 82 0.04 22.19 -7.78
CA ARG B 82 -0.45 23.18 -6.82
C ARG B 82 -0.89 22.43 -5.57
N VAL B 83 -0.26 22.75 -4.43
CA VAL B 83 -0.60 22.12 -3.17
C VAL B 83 -1.97 22.61 -2.69
N GLU B 84 -2.60 21.81 -1.84
CA GLU B 84 -3.93 22.06 -1.28
C GLU B 84 -3.96 21.55 0.16
N ALA B 85 -4.97 21.99 0.93
CA ALA B 85 -5.06 21.77 2.36
C ALA B 85 -5.15 20.29 2.73
N GLU B 86 -5.57 19.45 1.76
CA GLU B 86 -5.83 18.02 1.96
C GLU B 86 -4.66 17.19 1.43
N ASP B 87 -3.53 17.85 1.18
CA ASP B 87 -2.32 17.19 0.76
C ASP B 87 -1.43 16.95 1.97
N VAL B 88 -1.86 17.56 3.09
CA VAL B 88 -1.21 17.42 4.39
C VAL B 88 -1.14 15.94 4.74
N GLY B 89 -0.04 15.54 5.41
CA GLY B 89 0.22 14.15 5.79
C GLY B 89 1.67 13.75 5.53
N PHE B 90 1.89 12.43 5.42
CA PHE B 90 3.21 11.85 5.30
C PHE B 90 3.33 11.08 3.98
N TYR B 91 4.40 11.37 3.23
CA TYR B 91 4.62 10.81 1.91
C TYR B 91 5.78 9.81 1.92
N TYR B 92 5.49 8.62 1.38
CA TYR B 92 6.43 7.50 1.35
C TYR B 92 6.62 7.00 -0.08
N CYS B 93 7.85 6.59 -0.39
CA CYS B 93 8.15 5.85 -1.60
C CYS B 93 8.54 4.42 -1.23
N MET B 94 8.31 3.48 -2.15
CA MET B 94 8.57 2.09 -1.86
C MET B 94 9.02 1.38 -3.13
N GLN B 95 10.18 0.69 -3.06
CA GLN B 95 10.56 -0.22 -4.14
C GLN B 95 9.80 -1.53 -3.99
N ALA B 96 9.37 -2.08 -5.13
CA ALA B 96 8.57 -3.29 -5.17
C ALA B 96 9.20 -4.30 -6.13
N LEU B 97 10.53 -4.29 -6.24
CA LEU B 97 11.21 -5.13 -7.20
C LEU B 97 11.76 -6.38 -6.51
N GLN B 98 12.60 -6.15 -5.51
CA GLN B 98 13.09 -7.21 -4.64
C GLN B 98 12.50 -7.04 -3.25
N THR B 99 12.16 -8.19 -2.65
CA THR B 99 11.96 -8.30 -1.21
C THR B 99 13.31 -8.13 -0.52
N PRO B 100 13.31 -7.56 0.69
CA PRO B 100 12.15 -6.95 1.32
C PRO B 100 11.80 -5.63 0.64
N TYR B 101 10.48 -5.36 0.51
CA TYR B 101 10.00 -4.06 0.08
C TYR B 101 10.55 -3.03 1.04
N THR B 102 11.23 -2.01 0.51
CA THR B 102 11.85 -1.04 1.38
C THR B 102 11.19 0.32 1.18
N PHE B 103 11.22 1.15 2.23
CA PHE B 103 10.55 2.45 2.24
C PHE B 103 11.56 3.56 2.43
N GLY B 104 11.35 4.67 1.70
CA GLY B 104 12.02 5.93 1.98
C GLY B 104 11.65 6.42 3.38
N GLN B 105 12.48 7.32 3.94
CA GLN B 105 12.32 7.74 5.32
C GLN B 105 10.94 8.36 5.53
N GLY B 106 10.56 9.28 4.64
CA GLY B 106 9.25 9.91 4.70
C GLY B 106 9.33 11.43 4.72
N THR B 107 8.33 12.07 4.11
CA THR B 107 8.25 13.52 4.04
C THR B 107 6.99 13.98 4.78
N LYS B 108 7.18 14.93 5.69
CA LYS B 108 6.05 15.59 6.31
C LYS B 108 5.72 16.80 5.45
N LEU B 109 4.53 16.79 4.84
CA LEU B 109 4.00 17.95 4.15
C LEU B 109 3.12 18.75 5.13
N GLU B 110 3.41 20.06 5.21
CA GLU B 110 2.87 21.02 6.16
C GLU B 110 2.54 22.31 5.40
N ILE B 111 1.31 22.80 5.61
CA ILE B 111 0.83 24.02 4.97
C ILE B 111 1.13 25.24 5.86
N LYS B 112 1.81 26.23 5.26
CA LYS B 112 1.94 27.58 5.80
C LYS B 112 0.70 28.34 5.37
N ARG B 113 -0.21 28.55 6.34
CA ARG B 113 -1.37 29.41 6.16
C ARG B 113 -1.22 30.60 7.08
N THR B 114 -2.24 31.47 7.12
CA THR B 114 -2.17 32.72 7.87
C THR B 114 -2.46 32.44 9.35
N VAL B 115 -2.16 33.42 10.21
CA VAL B 115 -2.34 33.23 11.64
C VAL B 115 -3.83 33.12 11.93
N ALA B 116 -4.15 32.28 12.92
CA ALA B 116 -5.50 32.09 13.41
C ALA B 116 -5.48 32.06 14.94
N ALA B 117 -6.48 32.71 15.55
CA ALA B 117 -6.70 32.60 16.98
C ALA B 117 -7.51 31.34 17.27
N PRO B 118 -7.21 30.62 18.38
CA PRO B 118 -8.08 29.54 18.85
C PRO B 118 -9.37 30.06 19.48
N SER B 119 -10.48 29.34 19.25
CA SER B 119 -11.63 29.40 20.14
C SER B 119 -11.28 28.60 21.40
N VAL B 120 -11.39 29.21 22.58
CA VAL B 120 -10.97 28.53 23.80
C VAL B 120 -12.17 28.16 24.68
N PHE B 121 -12.23 26.89 25.09
CA PHE B 121 -13.31 26.35 25.92
C PHE B 121 -12.74 25.58 27.11
N ILE B 122 -13.33 25.82 28.30
CA ILE B 122 -12.97 25.14 29.54
C ILE B 122 -14.05 24.12 29.91
N PHE B 123 -13.63 23.01 30.54
CA PHE B 123 -14.52 21.91 30.91
C PHE B 123 -14.21 21.47 32.35
N PRO B 124 -15.24 21.38 33.23
CA PRO B 124 -15.05 20.79 34.55
C PRO B 124 -15.03 19.26 34.49
N PRO B 125 -14.55 18.55 35.55
CA PRO B 125 -14.79 17.12 35.67
C PRO B 125 -16.27 16.75 35.83
N SER B 126 -16.65 15.61 35.24
CA SER B 126 -17.99 15.05 35.39
C SER B 126 -18.22 14.66 36.85
N ASP B 127 -19.47 14.76 37.30
CA ASP B 127 -19.89 14.31 38.63
C ASP B 127 -19.53 12.83 38.80
N GLU B 128 -19.67 12.10 37.69
CA GLU B 128 -19.39 10.68 37.57
C GLU B 128 -17.94 10.35 37.90
N GLN B 129 -17.02 11.30 37.67
CA GLN B 129 -15.59 11.04 37.78
C GLN B 129 -15.13 11.19 39.22
N LEU B 130 -15.85 12.01 39.99
CA LEU B 130 -15.36 12.47 41.28
C LEU B 130 -15.54 11.38 42.33
N LYS B 131 -16.37 10.38 41.99
CA LYS B 131 -16.56 9.17 42.78
C LYS B 131 -15.24 8.40 42.83
N SER B 132 -14.56 8.31 41.68
CA SER B 132 -13.32 7.55 41.56
C SER B 132 -12.14 8.32 42.14
N GLY B 133 -12.40 9.53 42.64
CA GLY B 133 -11.45 10.28 43.47
C GLY B 133 -10.47 11.13 42.66
N THR B 134 -10.52 11.02 41.33
CA THR B 134 -9.71 11.81 40.42
C THR B 134 -10.59 12.87 39.76
N ALA B 135 -10.12 14.12 39.79
CA ALA B 135 -10.75 15.23 39.10
C ALA B 135 -9.86 15.67 37.93
N SER B 136 -10.41 15.56 36.71
CA SER B 136 -9.75 15.97 35.48
C SER B 136 -10.40 17.24 34.94
N VAL B 137 -9.60 18.28 34.70
CA VAL B 137 -10.04 19.52 34.08
C VAL B 137 -9.41 19.64 32.69
N VAL B 138 -10.25 19.88 31.67
CA VAL B 138 -9.82 19.92 30.28
C VAL B 138 -10.07 21.30 29.68
N CYS B 139 -8.96 21.91 29.21
CA CYS B 139 -8.94 23.11 28.37
C CYS B 139 -8.82 22.67 26.91
N LEU B 140 -9.51 23.36 26.00
CA LEU B 140 -9.44 23.10 24.57
C LEU B 140 -9.27 24.39 23.77
N LEU B 141 -8.29 24.37 22.87
CA LEU B 141 -7.99 25.40 21.88
C LEU B 141 -8.38 24.85 20.52
N ASN B 142 -9.36 25.50 19.86
CA ASN B 142 -9.98 24.97 18.65
C ASN B 142 -9.59 25.83 17.43
N ASN B 143 -8.98 25.17 16.43
CA ASN B 143 -8.75 25.69 15.10
C ASN B 143 -7.90 26.95 15.15
N PHE B 144 -6.58 26.76 15.29
CA PHE B 144 -5.61 27.86 15.35
C PHE B 144 -4.40 27.52 14.49
N TYR B 145 -3.63 28.56 14.14
CA TYR B 145 -2.31 28.43 13.54
C TYR B 145 -1.41 29.57 14.01
N PRO B 146 -0.18 29.28 14.47
CA PRO B 146 0.51 28.00 14.34
C PRO B 146 0.56 27.15 15.61
N ARG B 147 1.15 25.95 15.49
CA ARG B 147 1.15 24.90 16.50
C ARG B 147 1.74 25.40 17.82
N GLU B 148 2.43 26.55 17.74
CA GLU B 148 3.12 27.14 18.88
C GLU B 148 2.13 27.98 19.68
N ALA B 149 2.16 27.77 21.00
CA ALA B 149 1.18 28.29 21.94
C ALA B 149 1.62 27.92 23.35
N LYS B 150 1.34 28.82 24.31
CA LYS B 150 1.64 28.58 25.71
C LYS B 150 0.30 28.53 26.46
N VAL B 151 -0.01 27.34 27.00
CA VAL B 151 -1.19 27.12 27.84
C VAL B 151 -0.73 27.03 29.29
N GLN B 152 -1.32 27.85 30.18
CA GLN B 152 -0.98 27.81 31.58
C GLN B 152 -2.23 27.70 32.43
N TRP B 153 -2.25 26.71 33.34
CA TRP B 153 -3.35 26.49 34.27
C TRP B 153 -3.17 27.33 35.52
N LYS B 154 -4.27 27.96 35.97
CA LYS B 154 -4.31 28.72 37.22
C LYS B 154 -5.47 28.25 38.09
N VAL B 155 -5.16 27.96 39.35
CA VAL B 155 -6.13 27.56 40.36
C VAL B 155 -6.14 28.64 41.43
N ASP B 156 -7.19 29.47 41.44
CA ASP B 156 -7.29 30.66 42.27
C ASP B 156 -5.99 31.47 42.17
N ASN B 157 -5.67 31.91 40.95
CA ASN B 157 -4.50 32.73 40.64
C ASN B 157 -3.19 31.95 40.80
N ALA B 158 -3.25 30.76 41.42
CA ALA B 158 -2.06 29.94 41.67
C ALA B 158 -1.67 29.17 40.42
N LEU B 159 -0.43 29.42 39.96
CA LEU B 159 0.06 28.85 38.72
C LEU B 159 0.57 27.43 38.99
N GLN B 160 -0.30 26.45 38.70
CA GLN B 160 0.01 25.03 38.72
C GLN B 160 1.11 24.72 37.71
N SER B 161 1.99 23.78 38.06
CA SER B 161 3.08 23.33 37.21
C SER B 161 3.36 21.85 37.40
N GLY B 162 3.45 21.12 36.28
CA GLY B 162 3.78 19.70 36.25
C GLY B 162 2.69 18.80 36.82
N ASN B 163 1.43 19.15 36.54
CA ASN B 163 0.26 18.35 36.90
C ASN B 163 -0.70 18.31 35.71
N SER B 164 -0.16 18.59 34.52
CA SER B 164 -0.93 18.72 33.29
C SER B 164 -0.13 18.17 32.11
N GLN B 165 -0.86 17.56 31.16
CA GLN B 165 -0.34 17.01 29.91
C GLN B 165 -1.15 17.60 28.76
N GLU B 166 -0.54 17.73 27.58
CA GLU B 166 -1.25 18.18 26.39
C GLU B 166 -1.06 17.25 25.19
N SER B 167 -1.91 17.48 24.18
CA SER B 167 -1.95 16.75 22.92
C SER B 167 -2.46 17.67 21.81
N VAL B 168 -1.83 17.59 20.63
CA VAL B 168 -2.20 18.37 19.47
C VAL B 168 -2.60 17.40 18.37
N THR B 169 -3.57 17.79 17.54
CA THR B 169 -3.90 17.00 16.36
C THR B 169 -2.91 17.34 15.25
N GLU B 170 -2.90 16.48 14.22
CA GLU B 170 -2.27 16.78 12.95
C GLU B 170 -2.90 18.04 12.36
N GLN B 171 -2.31 18.56 11.28
CA GLN B 171 -2.85 19.70 10.57
C GLN B 171 -4.12 19.28 9.84
N ASP B 172 -5.21 20.02 10.06
CA ASP B 172 -6.52 19.72 9.50
C ASP B 172 -6.49 19.78 7.97
N SER B 173 -7.21 18.84 7.33
CA SER B 173 -7.23 18.68 5.88
C SER B 173 -8.14 19.70 5.19
N LYS B 174 -9.06 20.31 5.95
CA LYS B 174 -10.05 21.22 5.39
C LYS B 174 -9.59 22.68 5.51
N ASP B 175 -9.16 23.08 6.72
CA ASP B 175 -8.88 24.48 7.03
C ASP B 175 -7.43 24.70 7.47
N SER B 176 -6.63 23.63 7.50
CA SER B 176 -5.18 23.66 7.76
C SER B 176 -4.85 24.19 9.17
N THR B 177 -5.80 24.10 10.10
CA THR B 177 -5.52 24.56 11.44
C THR B 177 -5.11 23.38 12.32
N TYR B 178 -4.74 23.73 13.55
CA TYR B 178 -4.45 22.76 14.59
C TYR B 178 -5.49 22.90 15.69
N SER B 179 -5.67 21.80 16.44
CA SER B 179 -6.44 21.78 17.67
C SER B 179 -5.60 21.14 18.76
N LEU B 180 -5.72 21.70 19.98
CA LEU B 180 -4.93 21.26 21.12
C LEU B 180 -5.83 21.14 22.34
N SER B 181 -5.63 20.06 23.10
CA SER B 181 -6.29 19.85 24.39
C SER B 181 -5.23 19.83 25.49
N SER B 182 -5.59 20.42 26.64
CA SER B 182 -4.75 20.43 27.83
C SER B 182 -5.54 19.90 29.03
N THR B 183 -4.93 18.98 29.78
CA THR B 183 -5.64 18.22 30.81
C THR B 183 -4.96 18.38 32.16
N LEU B 184 -5.71 18.90 33.13
CA LEU B 184 -5.24 19.05 34.50
C LEU B 184 -5.82 17.95 35.37
N THR B 185 -4.96 17.35 36.22
CA THR B 185 -5.33 16.18 37.00
C THR B 185 -5.17 16.49 38.49
N LEU B 186 -6.27 16.33 39.23
CA LEU B 186 -6.32 16.62 40.66
C LEU B 186 -6.89 15.43 41.43
N SER B 187 -6.49 15.33 42.70
CA SER B 187 -7.22 14.60 43.72
C SER B 187 -8.54 15.29 43.97
N LYS B 188 -9.60 14.50 44.21
CA LYS B 188 -10.91 15.05 44.52
C LYS B 188 -10.78 16.04 45.68
N ALA B 189 -9.87 15.71 46.61
CA ALA B 189 -9.49 16.54 47.74
C ALA B 189 -9.18 17.96 47.30
N ASP B 190 -8.30 18.10 46.29
CA ASP B 190 -7.87 19.41 45.81
C ASP B 190 -9.01 20.17 45.17
N TYR B 191 -9.83 19.46 44.39
CA TYR B 191 -10.89 20.06 43.59
C TYR B 191 -11.97 20.68 44.48
N GLU B 192 -12.10 20.15 45.70
CA GLU B 192 -13.08 20.66 46.66
C GLU B 192 -12.49 21.88 47.38
N LYS B 193 -11.16 21.84 47.57
CA LYS B 193 -10.45 22.81 48.38
C LYS B 193 -10.49 24.18 47.71
N HIS B 194 -10.45 24.20 46.37
CA HIS B 194 -10.40 25.44 45.60
C HIS B 194 -11.67 25.60 44.79
N LYS B 195 -11.87 26.79 44.20
CA LYS B 195 -13.14 27.16 43.58
C LYS B 195 -12.94 27.56 42.12
N VAL B 196 -12.06 28.55 41.86
CA VAL B 196 -11.89 29.16 40.55
C VAL B 196 -10.80 28.42 39.80
N TYR B 197 -11.17 27.90 38.61
CA TYR B 197 -10.25 27.20 37.73
C TYR B 197 -10.22 27.94 36.39
N ALA B 198 -9.01 28.12 35.84
CA ALA B 198 -8.79 28.86 34.60
C ALA B 198 -7.57 28.32 33.84
N CYS B 199 -7.67 28.34 32.50
CA CYS B 199 -6.54 28.08 31.61
C CYS B 199 -6.30 29.27 30.69
N GLU B 200 -5.03 29.71 30.63
CA GLU B 200 -4.57 30.85 29.85
C GLU B 200 -3.94 30.33 28.56
N VAL B 201 -4.48 30.77 27.42
CA VAL B 201 -3.92 30.48 26.11
C VAL B 201 -3.19 31.74 25.65
N THR B 202 -1.87 31.61 25.46
CA THR B 202 -0.96 32.70 25.11
C THR B 202 -0.36 32.46 23.74
N GLN B 203 -0.57 33.42 22.83
CA GLN B 203 -0.10 33.36 21.45
C GLN B 203 0.21 34.76 20.96
N GLY B 204 1.48 34.99 20.62
CA GLY B 204 1.91 36.24 20.03
C GLY B 204 1.81 37.37 21.03
N THR B 205 0.75 38.18 20.88
CA THR B 205 0.52 39.33 21.75
C THR B 205 -0.84 39.20 22.44
N THR B 206 -1.42 38.00 22.41
CA THR B 206 -2.75 37.72 22.93
C THR B 206 -2.66 36.69 24.06
N SER B 207 -3.46 36.90 25.10
CA SER B 207 -3.67 35.93 26.16
C SER B 207 -5.15 35.86 26.52
N VAL B 208 -5.80 34.82 26.00
CA VAL B 208 -7.19 34.51 26.33
C VAL B 208 -7.18 33.63 27.58
N THR B 209 -8.06 33.94 28.53
CA THR B 209 -8.21 33.14 29.74
C THR B 209 -9.69 32.82 29.95
N LYS B 210 -10.08 31.57 29.66
CA LYS B 210 -11.39 31.06 30.04
C LYS B 210 -11.28 30.44 31.44
N SER B 211 -12.40 30.54 32.17
CA SER B 211 -12.47 30.13 33.56
CA SER B 211 -12.47 30.13 33.56
C SER B 211 -13.87 29.64 33.92
N PHE B 212 -13.97 28.95 35.06
CA PHE B 212 -15.23 28.56 35.65
C PHE B 212 -15.09 28.57 37.18
N ASN B 213 -16.23 28.61 37.87
CA ASN B 213 -16.28 28.50 39.33
C ASN B 213 -17.09 27.27 39.70
N ARG B 214 -16.43 26.33 40.42
CA ARG B 214 -16.99 25.04 40.80
C ARG B 214 -18.40 25.19 41.38
N GLY B 215 -18.67 26.39 41.92
CA GLY B 215 -19.96 26.80 42.45
C GLY B 215 -21.05 26.86 41.38
N GLU B 216 -20.90 27.79 40.41
CA GLU B 216 -21.90 28.00 39.37
C GLU B 216 -21.77 26.90 38.31
N MET C 1 13.84 -44.57 -16.30
CA MET C 1 13.62 -43.34 -17.12
C MET C 1 14.73 -42.34 -16.81
N LYS C 2 15.36 -41.81 -17.87
CA LYS C 2 16.43 -40.82 -17.77
C LYS C 2 16.37 -39.89 -18.97
N VAL C 3 16.89 -38.67 -18.78
CA VAL C 3 16.93 -37.65 -19.82
C VAL C 3 18.18 -37.89 -20.67
N LEU C 4 17.99 -38.19 -21.96
CA LEU C 4 19.11 -38.43 -22.86
C LEU C 4 19.64 -37.11 -23.41
N GLN C 5 18.73 -36.21 -23.82
CA GLN C 5 19.12 -34.89 -24.28
C GLN C 5 18.30 -33.83 -23.55
N GLU C 6 18.99 -33.00 -22.75
CA GLU C 6 18.42 -32.00 -21.86
C GLU C 6 17.51 -31.04 -22.62
N PRO C 7 16.39 -30.57 -22.00
CA PRO C 7 15.52 -29.55 -22.59
C PRO C 7 16.21 -28.39 -23.30
N THR C 8 15.70 -28.07 -24.51
CA THR C 8 16.13 -26.90 -25.27
C THR C 8 14.93 -26.21 -25.89
N CYS C 9 14.94 -24.88 -25.77
CA CYS C 9 13.74 -24.09 -25.99
C CYS C 9 13.99 -23.07 -27.11
N VAL C 10 12.90 -22.71 -27.81
CA VAL C 10 12.90 -21.66 -28.81
C VAL C 10 11.54 -20.98 -28.80
N SER C 11 11.54 -19.68 -28.50
CA SER C 11 10.34 -18.86 -28.46
C SER C 11 10.19 -18.02 -29.72
N ASP C 12 8.94 -17.64 -30.02
CA ASP C 12 8.62 -16.73 -31.11
C ASP C 12 8.61 -15.29 -30.60
N TYR C 13 8.94 -15.10 -29.31
CA TYR C 13 9.20 -13.80 -28.70
C TYR C 13 7.88 -13.06 -28.45
N MET C 14 6.77 -13.80 -28.31
CA MET C 14 5.49 -13.15 -28.06
C MET C 14 4.55 -14.01 -27.22
N SER C 15 4.33 -15.27 -27.60
CA SER C 15 3.23 -16.03 -27.02
C SER C 15 3.59 -17.48 -26.75
N ILE C 16 4.40 -18.08 -27.62
CA ILE C 16 4.73 -19.50 -27.56
C ILE C 16 6.24 -19.64 -27.36
N SER C 17 6.65 -20.74 -26.72
CA SER C 17 8.05 -21.09 -26.51
C SER C 17 8.17 -22.60 -26.44
N THR C 18 8.69 -23.21 -27.52
CA THR C 18 8.70 -24.67 -27.66
C THR C 18 9.96 -25.24 -27.03
N CYS C 19 9.77 -26.13 -26.04
CA CYS C 19 10.86 -26.82 -25.38
C CYS C 19 10.80 -28.32 -25.66
N GLU C 20 11.93 -28.87 -26.12
CA GLU C 20 12.05 -30.26 -26.53
C GLU C 20 13.15 -30.96 -25.74
N TRP C 21 12.94 -32.27 -25.48
CA TRP C 21 13.95 -33.13 -24.88
C TRP C 21 13.78 -34.57 -25.36
N LYS C 22 14.91 -35.30 -25.38
CA LYS C 22 14.98 -36.72 -25.72
C LYS C 22 15.23 -37.52 -24.45
N MET C 23 14.79 -38.79 -24.44
CA MET C 23 14.92 -39.64 -23.26
C MET C 23 15.61 -40.96 -23.60
N ASN C 24 16.24 -41.53 -22.56
CA ASN C 24 16.74 -42.90 -22.54
C ASN C 24 15.54 -43.84 -22.44
N GLY C 25 15.28 -44.56 -23.54
CA GLY C 25 14.13 -45.46 -23.66
C GLY C 25 12.84 -44.72 -23.99
N PRO C 26 11.84 -45.39 -24.64
CA PRO C 26 10.58 -44.73 -25.04
C PRO C 26 9.67 -44.37 -23.88
N THR C 27 9.09 -43.17 -23.98
CA THR C 27 8.19 -42.60 -22.99
C THR C 27 6.88 -42.21 -23.66
N ASN C 28 5.79 -42.32 -22.88
CA ASN C 28 4.55 -41.62 -23.18
C ASN C 28 4.53 -40.35 -22.34
N CYS C 29 4.94 -39.26 -22.98
CA CYS C 29 5.12 -37.95 -22.36
C CYS C 29 3.79 -37.45 -21.81
N SER C 30 2.71 -37.82 -22.52
CA SER C 30 1.35 -37.35 -22.28
C SER C 30 0.83 -37.84 -20.94
N THR C 31 1.56 -38.78 -20.31
CA THR C 31 1.06 -39.49 -19.15
C THR C 31 2.08 -39.55 -18.02
N GLU C 32 3.37 -39.78 -18.36
CA GLU C 32 4.41 -40.06 -17.39
C GLU C 32 5.05 -38.77 -16.86
N LEU C 33 5.34 -37.83 -17.77
CA LEU C 33 6.12 -36.63 -17.47
C LEU C 33 5.21 -35.42 -17.26
N ARG C 34 5.71 -34.46 -16.45
CA ARG C 34 5.09 -33.15 -16.27
C ARG C 34 6.17 -32.10 -16.06
N LEU C 35 6.17 -31.06 -16.92
CA LEU C 35 7.14 -29.99 -16.85
C LEU C 35 6.49 -28.72 -16.29
N LEU C 36 6.91 -28.35 -15.07
CA LEU C 36 6.49 -27.14 -14.37
C LEU C 36 7.50 -26.05 -14.68
N TYR C 37 7.02 -24.80 -14.74
CA TYR C 37 7.87 -23.66 -15.03
C TYR C 37 7.38 -22.41 -14.30
N GLN C 38 8.28 -21.45 -14.08
CA GLN C 38 7.95 -20.24 -13.34
C GLN C 38 8.86 -19.09 -13.78
N LEU C 39 8.26 -17.97 -14.22
CA LEU C 39 9.03 -16.78 -14.53
C LEU C 39 9.65 -16.25 -13.24
N VAL C 40 10.99 -16.21 -13.25
CA VAL C 40 11.83 -15.78 -12.14
C VAL C 40 11.57 -14.29 -11.90
N PHE C 41 10.59 -14.03 -11.03
CA PHE C 41 10.11 -12.70 -10.72
C PHE C 41 9.30 -12.77 -9.45
N LEU C 42 9.33 -11.70 -8.67
CA LEU C 42 8.71 -11.66 -7.35
C LEU C 42 7.22 -11.99 -7.43
N LEU C 43 6.82 -12.97 -6.60
CA LEU C 43 5.44 -13.35 -6.32
C LEU C 43 4.74 -13.93 -7.55
N SER C 44 5.52 -14.56 -8.43
CA SER C 44 4.99 -15.30 -9.56
C SER C 44 4.48 -16.67 -9.10
N GLU C 45 3.74 -17.35 -9.99
CA GLU C 45 3.29 -18.70 -9.75
C GLU C 45 3.86 -19.63 -10.81
N ALA C 46 4.31 -20.81 -10.37
CA ALA C 46 4.68 -21.90 -11.27
C ALA C 46 3.42 -22.37 -11.99
N HIS C 47 3.60 -22.87 -13.22
CA HIS C 47 2.51 -23.39 -14.02
C HIS C 47 2.91 -24.74 -14.59
N THR C 48 1.93 -25.42 -15.20
CA THR C 48 2.02 -26.84 -15.52
C THR C 48 1.85 -27.03 -17.02
N CYS C 49 2.77 -27.81 -17.62
CA CYS C 49 2.66 -28.16 -19.03
C CYS C 49 2.73 -29.67 -19.23
N ILE C 50 1.63 -30.22 -19.76
CA ILE C 50 1.49 -31.63 -20.07
C ILE C 50 2.01 -31.86 -21.48
N PRO C 51 3.15 -32.58 -21.66
CA PRO C 51 3.83 -32.70 -22.96
C PRO C 51 3.16 -33.58 -24.02
N GLU C 52 3.85 -33.76 -25.16
CA GLU C 52 3.38 -34.62 -26.24
C GLU C 52 4.59 -35.33 -26.88
N ASN C 53 4.32 -36.26 -27.80
CA ASN C 53 5.35 -37.17 -28.29
C ASN C 53 5.95 -36.72 -29.62
N ASN C 54 7.29 -36.72 -29.65
CA ASN C 54 8.07 -36.53 -30.86
C ASN C 54 8.84 -37.81 -31.13
N GLY C 55 8.14 -38.80 -31.72
CA GLY C 55 8.61 -40.17 -31.77
C GLY C 55 8.48 -40.84 -30.40
N GLY C 56 9.19 -41.96 -30.24
CA GLY C 56 9.15 -42.77 -29.03
C GLY C 56 9.79 -42.07 -27.83
N ALA C 57 11.07 -41.69 -28.00
CA ALA C 57 11.92 -41.25 -26.89
C ALA C 57 11.85 -39.74 -26.69
N GLY C 58 11.11 -39.02 -27.54
CA GLY C 58 11.19 -37.56 -27.62
C GLY C 58 9.89 -36.84 -27.22
N CYS C 59 10.04 -35.73 -26.49
CA CYS C 59 8.92 -34.95 -25.99
C CYS C 59 9.07 -33.47 -26.36
N VAL C 60 7.94 -32.76 -26.33
CA VAL C 60 7.75 -31.41 -26.82
C VAL C 60 6.70 -30.74 -25.95
N CYS C 61 6.91 -29.45 -25.63
CA CYS C 61 6.03 -28.67 -24.77
C CYS C 61 5.81 -27.27 -25.37
N HIS C 62 4.53 -26.88 -25.47
CA HIS C 62 4.19 -25.54 -25.90
C HIS C 62 3.85 -24.70 -24.69
N LEU C 63 4.88 -24.06 -24.09
CA LEU C 63 4.69 -23.19 -22.94
C LEU C 63 4.07 -21.87 -23.40
N LEU C 64 3.04 -21.43 -22.65
CA LEU C 64 2.39 -20.16 -22.88
C LEU C 64 3.24 -19.03 -22.32
N MET C 65 3.47 -18.02 -23.16
CA MET C 65 4.22 -16.83 -22.81
C MET C 65 3.26 -15.66 -22.76
N ASP C 66 3.38 -14.85 -21.70
CA ASP C 66 2.63 -13.62 -21.47
C ASP C 66 3.35 -12.47 -22.17
N ASP C 67 3.79 -12.72 -23.41
CA ASP C 67 4.72 -11.88 -24.15
C ASP C 67 6.14 -12.12 -23.59
N VAL C 68 7.17 -11.72 -24.34
CA VAL C 68 8.55 -11.86 -23.89
C VAL C 68 9.33 -10.57 -24.08
N VAL C 69 9.99 -10.15 -23.00
CA VAL C 69 11.03 -9.13 -23.06
C VAL C 69 12.38 -9.78 -22.73
N SER C 70 13.46 -9.09 -23.15
CA SER C 70 14.84 -9.53 -23.05
C SER C 70 15.19 -10.05 -21.65
N ALA C 71 14.61 -9.42 -20.61
CA ALA C 71 15.01 -9.63 -19.22
C ALA C 71 14.49 -10.97 -18.69
N ASP C 72 13.51 -11.57 -19.38
CA ASP C 72 12.78 -12.75 -18.90
C ASP C 72 13.70 -13.95 -18.80
N ASN C 73 13.46 -14.77 -17.78
CA ASN C 73 14.18 -15.99 -17.47
C ASN C 73 13.23 -16.85 -16.65
N TYR C 74 13.09 -18.13 -17.08
CA TYR C 74 12.10 -19.05 -16.55
C TYR C 74 12.82 -20.22 -15.88
N THR C 75 12.28 -20.71 -14.75
CA THR C 75 12.79 -21.91 -14.11
C THR C 75 11.96 -23.12 -14.54
N LEU C 76 12.65 -24.08 -15.17
CA LEU C 76 12.08 -25.32 -15.69
C LEU C 76 12.37 -26.46 -14.73
N ASP C 77 11.33 -27.26 -14.43
CA ASP C 77 11.45 -28.43 -13.59
C ASP C 77 10.65 -29.57 -14.21
N LEU C 78 11.33 -30.69 -14.47
CA LEU C 78 10.71 -31.86 -15.07
C LEU C 78 10.47 -32.93 -14.01
N TRP C 79 9.20 -33.34 -13.88
CA TRP C 79 8.78 -34.35 -12.93
C TRP C 79 8.25 -35.58 -13.68
N ALA C 80 8.50 -36.75 -13.08
CA ALA C 80 7.77 -37.96 -13.42
C ALA C 80 7.04 -38.45 -12.17
N GLY C 81 5.73 -38.23 -12.15
CA GLY C 81 4.88 -38.49 -10.99
C GLY C 81 5.19 -37.48 -9.89
N GLN C 82 6.15 -37.84 -9.03
CA GLN C 82 6.62 -37.00 -7.95
C GLN C 82 8.14 -37.04 -7.89
N GLN C 83 8.76 -37.69 -8.89
CA GLN C 83 10.20 -37.77 -9.01
C GLN C 83 10.67 -36.62 -9.89
N LEU C 84 11.61 -35.83 -9.37
CA LEU C 84 12.28 -34.83 -10.17
C LEU C 84 13.27 -35.54 -11.08
N LEU C 85 13.17 -35.31 -12.39
CA LEU C 85 14.13 -35.84 -13.34
C LEU C 85 15.22 -34.81 -13.62
N TRP C 86 14.83 -33.52 -13.74
CA TRP C 86 15.73 -32.49 -14.25
C TRP C 86 15.35 -31.11 -13.72
N LYS C 87 16.39 -30.31 -13.45
CA LYS C 87 16.31 -28.94 -12.96
C LYS C 87 17.02 -28.07 -14.00
N GLY C 88 16.48 -26.86 -14.25
CA GLY C 88 17.07 -25.96 -15.23
C GLY C 88 16.44 -24.58 -15.29
N SER C 89 16.90 -23.76 -16.24
CA SER C 89 16.37 -22.44 -16.52
C SER C 89 16.59 -22.09 -18.00
N PHE C 90 15.88 -21.06 -18.49
CA PHE C 90 16.03 -20.54 -19.85
C PHE C 90 15.46 -19.13 -19.98
N LYS C 91 16.15 -18.31 -20.80
CA LYS C 91 15.69 -17.01 -21.24
C LYS C 91 15.12 -17.19 -22.65
N PRO C 92 13.84 -16.85 -22.91
CA PRO C 92 13.20 -17.12 -24.20
C PRO C 92 13.75 -16.25 -25.34
N SER C 93 14.16 -15.02 -24.99
CA SER C 93 14.65 -14.02 -25.91
C SER C 93 15.97 -14.45 -26.56
N GLU C 94 16.48 -15.61 -26.14
CA GLU C 94 17.86 -15.99 -26.38
C GLU C 94 17.98 -17.07 -27.45
N HIS C 95 16.83 -17.59 -27.92
CA HIS C 95 16.75 -18.54 -29.01
C HIS C 95 15.43 -18.34 -29.76
N VAL C 96 15.48 -17.57 -30.87
CA VAL C 96 14.26 -17.00 -31.43
C VAL C 96 14.03 -17.52 -32.85
N LYS C 97 12.80 -17.97 -33.10
CA LYS C 97 12.30 -18.27 -34.43
C LYS C 97 11.11 -17.34 -34.70
N PRO C 98 11.29 -16.27 -35.51
CA PRO C 98 10.21 -15.31 -35.80
C PRO C 98 8.96 -15.94 -36.41
N ARG C 99 7.81 -15.33 -36.09
CA ARG C 99 6.51 -15.66 -36.66
C ARG C 99 6.50 -15.20 -38.12
N ALA C 100 5.63 -15.82 -38.91
CA ALA C 100 5.49 -15.55 -40.34
C ALA C 100 4.74 -14.25 -40.56
N PRO C 101 5.05 -13.47 -41.63
CA PRO C 101 4.23 -12.33 -42.03
C PRO C 101 2.90 -12.78 -42.63
N GLY C 102 1.98 -11.84 -42.85
CA GLY C 102 0.58 -12.15 -43.11
C GLY C 102 0.12 -11.84 -44.53
N ASN C 103 -0.96 -11.03 -44.63
CA ASN C 103 -1.83 -10.93 -45.79
C ASN C 103 -1.07 -10.32 -46.97
N LEU C 104 -0.55 -11.20 -47.84
CA LEU C 104 0.23 -10.82 -49.01
C LEU C 104 -0.68 -10.51 -50.20
N THR C 105 -0.80 -9.21 -50.53
CA THR C 105 -1.67 -8.68 -51.57
C THR C 105 -0.84 -8.03 -52.68
N VAL C 106 -1.48 -7.77 -53.84
CA VAL C 106 -0.84 -7.13 -54.98
C VAL C 106 -1.59 -5.84 -55.35
N HIS C 107 -1.03 -5.08 -56.31
CA HIS C 107 -1.61 -3.85 -56.82
C HIS C 107 -2.32 -4.12 -58.15
N ASP C 112 3.73 1.23 -65.13
CA ASP C 112 3.29 1.67 -63.79
C ASP C 112 3.82 0.69 -62.73
N THR C 113 3.09 0.60 -61.61
CA THR C 113 3.62 0.12 -60.35
C THR C 113 3.05 -1.27 -60.04
N LEU C 114 3.88 -2.11 -59.39
CA LEU C 114 3.45 -3.39 -58.83
C LEU C 114 3.81 -3.46 -57.35
N LEU C 115 2.79 -3.17 -56.52
CA LEU C 115 2.93 -3.04 -55.08
C LEU C 115 2.51 -4.35 -54.41
N LEU C 116 3.36 -4.85 -53.52
CA LEU C 116 3.08 -5.98 -52.65
C LEU C 116 2.98 -5.48 -51.21
N THR C 117 1.92 -5.88 -50.50
CA THR C 117 1.71 -5.49 -49.11
C THR C 117 1.68 -6.74 -48.24
N TRP C 118 2.10 -6.59 -46.97
CA TRP C 118 1.92 -7.62 -45.95
C TRP C 118 1.74 -7.02 -44.56
N SER C 119 1.37 -7.90 -43.62
CA SER C 119 1.17 -7.56 -42.22
C SER C 119 2.37 -8.02 -41.38
N ASN C 120 2.92 -7.10 -40.59
CA ASN C 120 3.84 -7.43 -39.52
C ASN C 120 3.07 -8.10 -38.39
N PRO C 121 3.32 -9.40 -38.09
CA PRO C 121 2.50 -10.15 -37.14
C PRO C 121 2.64 -9.75 -35.67
N TYR C 122 3.59 -8.86 -35.36
CA TYR C 122 3.86 -8.40 -34.01
C TYR C 122 3.26 -7.00 -33.79
N PRO C 123 2.69 -6.71 -32.60
CA PRO C 123 2.03 -5.42 -32.35
C PRO C 123 3.04 -4.33 -32.00
N PRO C 124 2.65 -3.04 -32.09
CA PRO C 124 3.56 -1.91 -31.85
C PRO C 124 4.45 -1.91 -30.60
N ASP C 125 4.01 -2.61 -29.55
CA ASP C 125 4.62 -2.52 -28.24
C ASP C 125 5.62 -3.66 -28.05
N ASN C 126 5.86 -4.44 -29.11
CA ASN C 126 6.72 -5.61 -29.08
C ASN C 126 8.07 -5.25 -29.68
N TYR C 127 9.13 -5.93 -29.24
CA TYR C 127 10.49 -5.69 -29.69
C TYR C 127 10.65 -6.04 -31.17
N LEU C 128 10.01 -7.12 -31.62
CA LEU C 128 10.12 -7.57 -32.99
C LEU C 128 9.29 -6.70 -33.94
N TYR C 129 8.64 -5.66 -33.38
CA TYR C 129 7.81 -4.79 -34.20
C TYR C 129 8.66 -4.07 -35.24
N ASN C 130 9.85 -3.62 -34.81
CA ASN C 130 10.71 -2.79 -35.63
C ASN C 130 12.12 -3.39 -35.65
N HIS C 131 12.18 -4.72 -35.65
CA HIS C 131 13.47 -5.40 -35.72
C HIS C 131 13.37 -6.58 -36.70
N LEU C 132 12.38 -6.54 -37.58
CA LEU C 132 12.20 -7.56 -38.61
C LEU C 132 12.64 -7.02 -39.97
N THR C 133 13.52 -7.76 -40.65
CA THR C 133 13.83 -7.52 -42.06
C THR C 133 13.26 -8.64 -42.90
N TYR C 134 12.66 -8.26 -44.04
CA TYR C 134 11.82 -9.16 -44.82
C TYR C 134 12.53 -9.61 -46.09
N ALA C 135 12.25 -10.86 -46.50
CA ALA C 135 12.72 -11.45 -47.74
C ALA C 135 11.52 -11.86 -48.60
N VAL C 136 11.56 -11.47 -49.89
CA VAL C 136 10.47 -11.67 -50.83
C VAL C 136 10.96 -12.50 -52.02
N ASN C 137 10.31 -13.66 -52.25
CA ASN C 137 10.66 -14.55 -53.36
C ASN C 137 9.63 -14.41 -54.49
N ILE C 138 10.12 -14.51 -55.74
CA ILE C 138 9.27 -14.51 -56.93
C ILE C 138 9.66 -15.70 -57.82
N PRO C 144 5.28 -20.98 -63.19
CA PRO C 144 6.58 -20.61 -62.59
C PRO C 144 7.71 -21.53 -63.04
N ALA C 145 8.95 -21.23 -62.61
CA ALA C 145 10.16 -21.97 -62.98
C ALA C 145 11.32 -21.63 -62.03
N ASP C 146 12.09 -20.58 -62.36
CA ASP C 146 13.12 -20.03 -61.50
C ASP C 146 12.64 -18.69 -60.92
N PHE C 147 13.31 -18.23 -59.85
CA PHE C 147 12.83 -17.10 -59.06
C PHE C 147 13.85 -15.96 -59.01
N ARG C 148 13.62 -15.02 -58.07
CA ARG C 148 14.52 -13.93 -57.71
C ARG C 148 14.03 -13.33 -56.39
N ILE C 149 14.98 -13.11 -55.45
CA ILE C 149 14.72 -12.58 -54.10
C ILE C 149 14.78 -11.06 -54.09
N TYR C 150 14.25 -10.46 -53.01
CA TYR C 150 14.27 -9.03 -52.76
C TYR C 150 14.29 -8.78 -51.25
N ASN C 151 15.43 -8.29 -50.74
CA ASN C 151 15.61 -8.00 -49.33
C ASN C 151 15.06 -6.61 -49.00
N VAL C 152 13.92 -6.58 -48.28
CA VAL C 152 13.36 -5.35 -47.76
C VAL C 152 13.95 -5.14 -46.36
N THR C 153 14.58 -3.97 -46.14
CA THR C 153 15.21 -3.67 -44.86
C THR C 153 14.82 -2.29 -44.34
N TYR C 154 13.61 -1.84 -44.70
CA TYR C 154 13.01 -0.68 -44.07
C TYR C 154 11.75 -1.14 -43.36
N LEU C 155 11.25 -0.29 -42.45
CA LEU C 155 10.22 -0.67 -41.50
C LEU C 155 8.88 -0.93 -42.20
N GLU C 156 8.64 -0.22 -43.31
CA GLU C 156 7.46 -0.36 -44.14
C GLU C 156 7.38 -1.77 -44.75
N PRO C 157 6.25 -2.50 -44.55
CA PRO C 157 6.06 -3.81 -45.18
C PRO C 157 5.44 -3.77 -46.58
N SER C 158 6.19 -3.18 -47.51
CA SER C 158 5.79 -3.11 -48.92
C SER C 158 6.99 -3.35 -49.84
N LEU C 159 6.68 -3.46 -51.15
CA LEU C 159 7.65 -3.56 -52.23
C LEU C 159 6.99 -3.07 -53.52
N ARG C 160 7.79 -2.40 -54.37
CA ARG C 160 7.32 -1.80 -55.62
C ARG C 160 8.31 -2.11 -56.74
N ILE C 161 7.79 -2.37 -57.95
CA ILE C 161 8.59 -2.54 -59.17
C ILE C 161 7.75 -2.21 -60.42
N ALA C 162 8.39 -2.32 -61.60
CA ALA C 162 7.75 -2.17 -62.90
C ALA C 162 8.24 -3.25 -63.86
N ALA C 163 7.34 -3.67 -64.78
CA ALA C 163 7.59 -4.63 -65.85
C ALA C 163 7.88 -6.02 -65.25
N ARG C 173 6.35 -19.10 -57.69
CA ARG C 173 5.58 -18.71 -56.51
C ARG C 173 6.09 -17.36 -55.99
N ALA C 174 5.21 -16.61 -55.30
CA ALA C 174 5.53 -15.32 -54.73
C ALA C 174 5.12 -15.25 -53.26
N ARG C 175 6.12 -15.31 -52.36
CA ARG C 175 5.92 -15.41 -50.92
C ARG C 175 6.89 -14.50 -50.17
N VAL C 176 6.62 -14.27 -48.88
CA VAL C 176 7.43 -13.41 -48.02
C VAL C 176 7.75 -14.10 -46.70
N ARG C 177 8.96 -13.85 -46.16
CA ARG C 177 9.43 -14.32 -44.86
C ARG C 177 10.15 -13.20 -44.09
N ALA C 178 10.71 -13.55 -42.92
CA ALA C 178 11.13 -12.55 -41.94
C ALA C 178 12.35 -13.02 -41.13
N TRP C 179 13.29 -12.09 -40.91
CA TRP C 179 14.44 -12.29 -40.05
C TRP C 179 14.41 -11.24 -38.93
N ALA C 180 15.03 -11.58 -37.80
CA ALA C 180 15.06 -10.68 -36.66
C ALA C 180 16.51 -10.32 -36.31
N GLN C 181 16.70 -9.06 -35.91
CA GLN C 181 17.98 -8.52 -35.49
C GLN C 181 18.39 -9.14 -34.16
N LEU C 182 18.78 -10.43 -34.19
CA LEU C 182 19.19 -11.16 -32.99
C LEU C 182 20.37 -12.06 -33.33
N TYR C 183 20.83 -12.84 -32.34
CA TYR C 183 21.98 -13.71 -32.51
C TYR C 183 21.54 -15.14 -32.79
N ASN C 184 21.00 -15.82 -31.77
CA ASN C 184 20.51 -17.18 -31.94
C ASN C 184 19.10 -17.12 -32.54
N THR C 185 19.06 -16.81 -33.85
CA THR C 185 17.80 -16.64 -34.58
C THR C 185 17.78 -17.54 -35.80
N THR C 186 16.59 -17.65 -36.41
CA THR C 186 16.39 -18.37 -37.66
C THR C 186 15.33 -17.64 -38.48
N TRP C 187 14.98 -18.22 -39.63
CA TRP C 187 14.02 -17.65 -40.55
C TRP C 187 12.62 -18.03 -40.12
N SER C 188 11.67 -17.14 -40.38
CA SER C 188 10.26 -17.42 -40.21
C SER C 188 9.82 -18.42 -41.28
N GLU C 189 8.70 -19.09 -41.02
CA GLU C 189 7.99 -19.83 -42.05
C GLU C 189 7.56 -18.84 -43.12
N TRP C 190 7.37 -19.35 -44.34
CA TRP C 190 6.87 -18.56 -45.45
C TRP C 190 5.41 -18.18 -45.21
N SER C 191 4.96 -17.16 -45.93
CA SER C 191 3.58 -16.69 -45.87
C SER C 191 2.74 -17.45 -46.89
N PRO C 192 1.38 -17.34 -46.81
CA PRO C 192 0.52 -17.66 -47.96
C PRO C 192 0.95 -16.88 -49.20
N SER C 193 0.88 -17.51 -50.37
CA SER C 193 1.47 -16.99 -51.60
C SER C 193 0.40 -16.64 -52.65
N THR C 194 0.69 -15.59 -53.45
CA THR C 194 -0.19 -15.11 -54.51
C THR C 194 0.53 -15.21 -55.86
N LYS C 195 -0.27 -15.21 -56.95
CA LYS C 195 0.22 -15.34 -58.31
C LYS C 195 0.01 -14.02 -59.06
N TRP C 196 1.12 -13.45 -59.55
CA TRP C 196 1.09 -12.16 -60.24
C TRP C 196 0.87 -12.38 -61.74
C1 NAG D . -0.32 -42.30 -23.90
C2 NAG D . -0.63 -42.77 -25.32
C3 NAG D . -2.05 -42.31 -25.70
C4 NAG D . -3.11 -42.71 -24.67
C5 NAG D . -2.66 -42.36 -23.22
C6 NAG D . -3.51 -42.97 -22.10
C7 NAG D . 1.44 -42.92 -26.74
C8 NAG D . 2.27 -42.16 -27.70
N2 NAG D . 0.36 -42.26 -26.27
O3 NAG D . -2.41 -42.84 -26.97
O4 NAG D . -4.35 -42.10 -25.10
O5 NAG D . -1.32 -42.82 -23.00
O6 NAG D . -3.31 -44.39 -22.03
O7 NAG D . 1.75 -44.07 -26.44
C1 NAG D . -5.53 -42.94 -24.89
C2 NAG D . -6.64 -42.74 -25.95
C3 NAG D . -7.84 -43.66 -25.66
C4 NAG D . -7.36 -45.11 -25.47
C5 NAG D . -6.40 -45.12 -24.27
C6 NAG D . -5.97 -46.49 -23.74
C7 NAG D . -6.68 -40.46 -26.89
C8 NAG D . -7.27 -39.08 -26.72
N2 NAG D . -7.06 -41.34 -25.97
O3 NAG D . -8.86 -43.58 -26.67
O4 NAG D . -8.46 -46.03 -25.39
O5 NAG D . -5.25 -44.36 -24.68
O6 NAG D . -5.08 -46.28 -22.53
O7 NAG D . -5.91 -40.71 -27.81
C1 NAG E . 17.86 -17.46 -14.37
C2 NAG E . 19.33 -17.05 -14.20
C3 NAG E . 20.13 -18.12 -13.46
C4 NAG E . 19.45 -18.69 -12.21
C5 NAG E . 17.93 -18.83 -12.39
C6 NAG E . 17.23 -18.95 -11.03
C7 NAG E . 20.00 -17.33 -16.63
C8 NAG E . 20.97 -16.74 -17.60
N2 NAG E . 20.07 -16.76 -15.42
O3 NAG E . 21.39 -17.54 -13.07
O4 NAG E . 20.08 -19.93 -11.84
O5 NAG E . 17.33 -17.70 -13.06
O6 NAG E . 16.67 -20.26 -10.93
O7 NAG E . 19.22 -18.23 -16.91
C1 NAG E . 20.89 -19.78 -10.64
C2 NAG E . 21.17 -21.13 -9.96
C3 NAG E . 22.29 -21.08 -8.90
C4 NAG E . 23.44 -20.08 -9.16
C5 NAG E . 22.93 -18.76 -9.78
C6 NAG E . 24.08 -17.88 -10.25
C7 NAG E . 18.94 -22.27 -9.93
C8 NAG E . 17.85 -22.76 -9.02
N2 NAG E . 19.98 -21.69 -9.32
O3 NAG E . 22.86 -22.39 -8.75
O4 NAG E . 24.11 -19.82 -7.93
O5 NAG E . 22.11 -19.06 -10.91
O6 NAG E . 24.55 -17.10 -9.15
O7 NAG E . 18.82 -22.39 -11.14
C1 NAG F . 22.96 -17.96 -27.62
C2 NAG F . 22.98 -16.75 -26.66
C3 NAG F . 24.35 -16.82 -25.94
C4 NAG F . 24.26 -18.03 -24.99
C5 NAG F . 23.99 -19.33 -25.78
C6 NAG F . 23.54 -20.48 -24.87
C7 NAG F . 22.57 -14.22 -26.86
C8 NAG F . 21.94 -13.24 -27.81
N2 NAG F . 22.52 -15.50 -27.28
O3 NAG F . 24.72 -15.64 -25.23
O4 NAG F . 25.43 -18.13 -24.17
O5 NAG F . 23.01 -19.18 -26.83
O6 NAG F . 24.64 -20.93 -24.06
O7 NAG F . 23.07 -13.82 -25.81
#